data_9MND
#
_entry.id   9MND
#
_cell.length_a   1.00
_cell.length_b   1.00
_cell.length_c   1.00
_cell.angle_alpha   90.00
_cell.angle_beta   90.00
_cell.angle_gamma   90.00
#
_symmetry.space_group_name_H-M   'P 1'
#
loop_
_entity.id
_entity.type
_entity.pdbx_description
1 polymer 'Band 3 anion transport protein'
2 branched 2-acetamido-2-deoxy-beta-D-glucopyranose-(1-4)-[alpha-L-fucopyranose-(1-6)]2-acetamido-2-deoxy-beta-D-glucopyranose
3 non-polymer 'DIUNDECYL PHOSPHATIDYL CHOLINE'
4 non-polymer '[(2R)-2-octanoyloxy-3-[oxidanyl-[(1R,2R,3S,4R,5R,6S)-2,3,6-tris(oxidanyl)-4,5-diphosphonooxy-cyclohexyl]oxy-phosphoryl]oxy-propyl] octanoate'
5 water water
#
_entity_poly.entity_id   1
_entity_poly.type   'polypeptide(L)'
_entity_poly.pdbx_seq_one_letter_code
;MEELQDDYEDMMEENLEQEEYEDPDIPESQMEEPAAHDTEATATDYHTTSHPGTHKVYVELQELVMDEKNQELRWMEAAR
WVQLEENLGENGAWGRPHLSHLTFWSLLELRRVFTKGTVLLDLQETSLAGVANQLLDRFIFEDQIRPQDREELLRALLLK
HSHAGELEALGGVKPAVLTRSGDPSQPLLPQHSSLETQLFCEQGDGGTEGHSPSGILEKIPPDSEATLVLVGRADFLEQP
VLGFVRLQEAAELEAVELPVPIRFLFVLLGPEAPHIDYTQLGRAAATLMSERVFRIDAYMAQSRGELLHSLEGFLDCSLV
LPPTDAPSEQALLSLVPVQRELLRRRYQSSPAKPDSSFYKGLDLNGGPDDPLQQTGQLFGGLVRDIRRRYPYYLSDITDA
FSPQVLAAVIFIYFAALSPAITFGGLLGEKTRNQMGVSELLISTAVQGILFALLGAQPLLVVGFSGPLLVFEEAFFSFCE
TNGLEYIVGRVWIGFWLILLVVLVVAFEGSFLVRFISRYTQEIFSFLISLIFIYETFSKLIKIFQDHPLQKTYNYNVLMV
PKPQGPLPNTALLSLVLMAGTFFFAMMLRKFKNSSYFPGKLRRVIGDFGVPISILIMVLVDFFIQDTYTQKLSVPDGFKV
SNSSARGWVIHPLGLRSEFPIWMMFASALPALLVFILIFLESQITTLIVSKPERKMVKGSGFHLDLLLVVGMGGVAALFG
MPWLSATTVRSVTHANALTVMGKASTPGAAAQIQEVKEQRISGLLVAVLVGLSILMEPILSRIPLAVLFGIFLYMGVTSL
SGIQLFDRILLLFKPPKYHPDVPYVKRVKTWRMHLFTGIQIICLAVLWVVKSTPASLALPFVLILTVPLRRVLLPLIFRN
VELQCLDADDAKATFDEEEGRDEYDEVAMPV
;
_entity_poly.pdbx_strand_id   C,A
#
# COMPACT_ATOMS: atom_id res chain seq x y z
N PRO A 371 6.73 -15.69 -38.37
CA PRO A 371 7.99 -15.58 -37.63
C PRO A 371 8.47 -16.92 -37.09
N LEU A 372 7.54 -17.81 -36.75
CA LEU A 372 7.86 -19.13 -36.24
C LEU A 372 7.69 -20.22 -37.28
N GLN A 373 7.54 -19.86 -38.55
CA GLN A 373 7.45 -20.83 -39.62
C GLN A 373 8.84 -21.32 -40.01
N GLN A 374 8.88 -22.52 -40.60
CA GLN A 374 10.13 -23.12 -41.05
C GLN A 374 10.25 -22.89 -42.56
N THR A 375 11.34 -22.25 -42.97
CA THR A 375 11.53 -21.88 -44.37
C THR A 375 12.27 -22.95 -45.16
N GLY A 376 12.91 -23.90 -44.50
CA GLY A 376 13.63 -24.96 -45.17
C GLY A 376 15.04 -24.62 -45.57
N GLN A 377 15.50 -23.40 -45.33
CA GLN A 377 16.84 -22.98 -45.69
C GLN A 377 17.68 -22.81 -44.44
N LEU A 378 18.99 -22.98 -44.58
CA LEU A 378 19.89 -22.78 -43.46
C LEU A 378 19.84 -21.33 -43.00
N PHE A 379 19.69 -21.15 -41.69
CA PHE A 379 19.62 -19.81 -41.11
C PHE A 379 18.48 -19.00 -41.72
N GLY A 380 17.43 -19.67 -42.19
CA GLY A 380 16.33 -18.95 -42.81
C GLY A 380 15.61 -18.06 -41.83
N GLY A 381 15.32 -18.56 -40.64
CA GLY A 381 14.65 -17.74 -39.63
C GLY A 381 15.49 -16.56 -39.20
N LEU A 382 16.80 -16.76 -39.06
CA LEU A 382 17.68 -15.67 -38.67
C LEU A 382 17.67 -14.55 -39.71
N VAL A 383 17.81 -14.93 -40.99
CA VAL A 383 17.81 -13.93 -42.05
C VAL A 383 16.45 -13.25 -42.13
N ARG A 384 15.37 -14.01 -41.95
CA ARG A 384 14.04 -13.42 -41.94
C ARG A 384 13.89 -12.41 -40.81
N ASP A 385 14.36 -12.75 -39.61
CA ASP A 385 14.29 -11.83 -38.49
C ASP A 385 15.05 -10.55 -38.80
N ILE A 386 16.28 -10.69 -39.32
CA ILE A 386 17.08 -9.51 -39.62
C ILE A 386 16.37 -8.66 -40.67
N ARG A 387 15.91 -9.28 -41.75
CA ARG A 387 15.26 -8.52 -42.82
C ARG A 387 13.99 -7.85 -42.32
N ARG A 388 13.27 -8.48 -41.40
CA ARG A 388 12.01 -7.91 -40.92
C ARG A 388 12.27 -6.73 -39.99
N ARG A 389 13.27 -6.82 -39.11
CA ARG A 389 13.42 -5.81 -38.08
C ARG A 389 14.38 -4.68 -38.46
N TYR A 390 15.45 -4.96 -39.19
CA TYR A 390 16.49 -3.96 -39.40
C TYR A 390 16.02 -2.77 -40.25
N PRO A 391 15.02 -2.93 -41.12
CA PRO A 391 14.48 -1.75 -41.82
C PRO A 391 13.92 -0.70 -40.87
N TYR A 392 13.67 -1.04 -39.61
CA TYR A 392 13.12 -0.14 -38.62
C TYR A 392 14.17 0.55 -37.77
N TYR A 393 15.45 0.51 -38.15
CA TYR A 393 16.50 0.95 -37.23
C TYR A 393 16.42 2.45 -36.94
N LEU A 394 16.19 3.26 -37.97
CA LEU A 394 16.13 4.70 -37.75
C LEU A 394 14.97 5.05 -36.82
N SER A 395 13.81 4.42 -37.01
CA SER A 395 12.70 4.62 -36.09
C SER A 395 13.03 4.09 -34.70
N ASP A 396 13.79 2.99 -34.62
CA ASP A 396 14.19 2.47 -33.32
C ASP A 396 15.06 3.47 -32.58
N ILE A 397 15.80 4.30 -33.32
CA ILE A 397 16.54 5.38 -32.67
C ILE A 397 15.63 6.53 -32.30
N THR A 398 14.79 6.97 -33.25
CA THR A 398 14.09 8.24 -33.09
C THR A 398 12.86 8.15 -32.19
N ASP A 399 12.26 6.96 -32.04
CA ASP A 399 11.09 6.82 -31.17
C ASP A 399 11.44 6.95 -29.70
N ALA A 400 12.73 6.99 -29.36
CA ALA A 400 13.15 7.09 -27.97
C ALA A 400 13.04 8.51 -27.42
N PHE A 401 12.76 9.50 -28.27
CA PHE A 401 12.77 10.91 -27.87
C PHE A 401 11.42 11.24 -27.23
N SER A 402 11.26 10.84 -25.96
CA SER A 402 10.02 11.06 -25.23
C SER A 402 10.32 10.98 -23.74
N PRO A 403 9.61 11.74 -22.90
CA PRO A 403 9.80 11.60 -21.45
C PRO A 403 9.51 10.21 -20.93
N GLN A 404 8.56 9.50 -21.54
CA GLN A 404 8.23 8.16 -21.10
C GLN A 404 9.44 7.24 -21.22
N VAL A 405 10.23 7.41 -22.28
CA VAL A 405 11.41 6.58 -22.47
C VAL A 405 12.42 6.85 -21.36
N LEU A 406 12.61 8.11 -20.97
CA LEU A 406 13.53 8.42 -19.88
C LEU A 406 13.05 7.83 -18.57
N ALA A 407 11.75 7.95 -18.28
CA ALA A 407 11.22 7.36 -17.06
C ALA A 407 11.42 5.86 -17.04
N ALA A 408 11.15 5.20 -18.17
CA ALA A 408 11.38 3.77 -18.28
C ALA A 408 12.85 3.44 -18.09
N VAL A 409 13.74 4.29 -18.62
CA VAL A 409 15.17 4.05 -18.46
C VAL A 409 15.54 4.03 -16.98
N ILE A 410 15.07 5.02 -16.22
CA ILE A 410 15.41 5.06 -14.79
C ILE A 410 14.82 3.84 -14.07
N PHE A 411 13.53 3.57 -14.31
CA PHE A 411 12.86 2.45 -13.65
C PHE A 411 13.59 1.14 -13.93
N ILE A 412 13.82 0.84 -15.21
CA ILE A 412 14.42 -0.43 -15.59
C ILE A 412 15.90 -0.45 -15.21
N TYR A 413 16.55 0.70 -15.09
CA TYR A 413 17.92 0.72 -14.62
C TYR A 413 18.00 0.20 -13.19
N PHE A 414 17.10 0.68 -12.33
CA PHE A 414 17.10 0.13 -10.97
C PHE A 414 16.70 -1.34 -10.97
N ALA A 415 15.66 -1.68 -11.76
CA ALA A 415 15.20 -3.06 -11.84
C ALA A 415 16.27 -4.02 -12.36
N ALA A 416 17.22 -3.53 -13.14
CA ALA A 416 18.30 -4.35 -13.68
C ALA A 416 19.56 -4.32 -12.83
N LEU A 417 19.84 -3.21 -12.15
CA LEU A 417 21.01 -3.14 -11.30
C LEU A 417 20.84 -3.97 -10.05
N SER A 418 19.67 -3.88 -9.39
CA SER A 418 19.52 -4.57 -8.12
C SER A 418 19.67 -6.09 -8.25
N PRO A 419 18.99 -6.76 -9.19
CA PRO A 419 19.23 -8.21 -9.33
C PRO A 419 20.68 -8.53 -9.62
N ALA A 420 21.36 -7.70 -10.42
CA ALA A 420 22.76 -7.95 -10.70
C ALA A 420 23.59 -7.96 -9.42
N ILE A 421 23.37 -6.97 -8.54
CA ILE A 421 24.14 -6.90 -7.31
C ILE A 421 23.83 -8.07 -6.40
N THR A 422 22.53 -8.36 -6.21
CA THR A 422 22.15 -9.46 -5.34
C THR A 422 22.74 -10.78 -5.83
N PHE A 423 22.53 -11.10 -7.11
CA PHE A 423 22.99 -12.37 -7.64
C PHE A 423 24.51 -12.42 -7.73
N GLY A 424 25.18 -11.30 -7.96
CA GLY A 424 26.63 -11.30 -7.93
C GLY A 424 27.18 -11.57 -6.55
N GLY A 425 26.56 -10.99 -5.53
CA GLY A 425 26.97 -11.31 -4.16
C GLY A 425 26.78 -12.78 -3.86
N LEU A 426 25.61 -13.33 -4.20
CA LEU A 426 25.37 -14.75 -3.97
C LEU A 426 26.36 -15.60 -4.76
N LEU A 427 26.65 -15.21 -6.00
CA LEU A 427 27.58 -15.96 -6.85
C LEU A 427 28.97 -15.97 -6.25
N GLY A 428 29.44 -14.81 -5.78
CA GLY A 428 30.74 -14.76 -5.14
C GLY A 428 30.78 -15.60 -3.88
N GLU A 429 29.71 -15.57 -3.09
CA GLU A 429 29.66 -16.42 -1.89
C GLU A 429 29.71 -17.89 -2.26
N LYS A 430 29.07 -18.28 -3.36
CA LYS A 430 28.90 -19.68 -3.69
C LYS A 430 30.03 -20.26 -4.54
N THR A 431 30.85 -19.42 -5.18
CA THR A 431 31.95 -19.89 -6.00
C THR A 431 33.30 -19.40 -5.49
N ARG A 432 33.34 -18.81 -4.29
CA ARG A 432 34.57 -18.26 -3.73
C ARG A 432 35.16 -17.18 -4.63
N ASN A 433 34.29 -16.32 -5.16
CA ASN A 433 34.65 -15.12 -5.91
C ASN A 433 35.34 -15.43 -7.24
N GLN A 434 35.26 -16.68 -7.72
CA GLN A 434 35.66 -16.94 -9.10
C GLN A 434 34.73 -16.23 -10.07
N MET A 435 33.48 -16.04 -9.68
CA MET A 435 32.51 -15.26 -10.43
C MET A 435 31.67 -14.48 -9.42
N GLY A 436 31.79 -13.16 -9.44
CA GLY A 436 31.21 -12.33 -8.39
C GLY A 436 30.32 -11.25 -8.95
N VAL A 437 30.46 -10.05 -8.39
CA VAL A 437 29.58 -8.93 -8.71
C VAL A 437 30.08 -8.14 -9.90
N SER A 438 31.38 -7.86 -9.95
CA SER A 438 31.93 -7.11 -11.08
C SER A 438 31.80 -7.90 -12.38
N GLU A 439 32.01 -9.22 -12.32
CA GLU A 439 31.85 -10.05 -13.51
C GLU A 439 30.43 -9.96 -14.03
N LEU A 440 29.44 -10.07 -13.13
CA LEU A 440 28.05 -10.01 -13.56
C LEU A 440 27.68 -8.62 -14.07
N LEU A 441 28.21 -7.56 -13.43
CA LEU A 441 27.94 -6.21 -13.91
C LEU A 441 28.48 -6.01 -15.32
N ILE A 442 29.73 -6.42 -15.55
CA ILE A 442 30.33 -6.27 -16.87
C ILE A 442 29.58 -7.10 -17.89
N SER A 443 29.23 -8.34 -17.53
CA SER A 443 28.48 -9.20 -18.43
C SER A 443 27.16 -8.56 -18.82
N THR A 444 26.40 -8.12 -17.82
CA THR A 444 25.10 -7.50 -18.09
C THR A 444 25.27 -6.27 -18.97
N ALA A 445 26.22 -5.40 -18.64
CA ALA A 445 26.40 -4.19 -19.42
C ALA A 445 26.73 -4.50 -20.88
N VAL A 446 27.76 -5.31 -21.09
CA VAL A 446 28.23 -5.55 -22.46
C VAL A 446 27.18 -6.30 -23.27
N GLN A 447 26.60 -7.35 -22.68
CA GLN A 447 25.63 -8.15 -23.43
C GLN A 447 24.35 -7.36 -23.68
N GLY A 448 23.92 -6.53 -22.73
CA GLY A 448 22.76 -5.70 -22.96
C GLY A 448 23.00 -4.67 -24.04
N ILE A 449 24.21 -4.11 -24.08
CA ILE A 449 24.53 -3.14 -25.13
C ILE A 449 24.49 -3.82 -26.50
N LEU A 450 25.12 -4.98 -26.60
CA LEU A 450 25.14 -5.69 -27.88
C LEU A 450 23.74 -6.13 -28.29
N PHE A 451 22.93 -6.56 -27.32
CA PHE A 451 21.58 -7.01 -27.63
C PHE A 451 20.69 -5.85 -28.04
N ALA A 452 20.82 -4.70 -27.39
CA ALA A 452 20.04 -3.54 -27.78
C ALA A 452 20.46 -3.03 -29.14
N LEU A 453 21.74 -3.19 -29.49
CA LEU A 453 22.19 -2.75 -30.81
C LEU A 453 21.81 -3.73 -31.91
N LEU A 454 21.75 -5.03 -31.63
CA LEU A 454 21.62 -6.04 -32.67
C LEU A 454 20.42 -6.95 -32.53
N GLY A 455 19.58 -6.75 -31.52
CA GLY A 455 18.50 -7.68 -31.24
C GLY A 455 17.23 -7.37 -32.02
N ALA A 456 16.52 -8.42 -32.39
CA ALA A 456 15.27 -8.26 -33.10
C ALA A 456 14.13 -7.80 -32.19
N GLN A 457 14.27 -7.97 -30.88
CA GLN A 457 13.30 -7.49 -29.90
C GLN A 457 14.06 -6.66 -28.87
N PRO A 458 14.31 -5.38 -29.18
CA PRO A 458 15.13 -4.56 -28.28
C PRO A 458 14.54 -4.37 -26.90
N LEU A 459 13.27 -4.71 -26.67
CA LEU A 459 12.65 -4.48 -25.38
C LEU A 459 12.93 -5.59 -24.38
N LEU A 460 13.61 -6.65 -24.78
CA LEU A 460 14.02 -7.67 -23.83
C LEU A 460 15.21 -7.18 -23.02
N VAL A 461 15.20 -7.50 -21.73
CA VAL A 461 16.29 -7.18 -20.80
C VAL A 461 17.00 -8.47 -20.46
N VAL A 462 18.30 -8.52 -20.71
CA VAL A 462 19.09 -9.74 -20.54
C VAL A 462 19.91 -9.60 -19.28
N GLY A 463 19.72 -10.50 -18.33
CA GLY A 463 20.44 -10.48 -17.07
C GLY A 463 20.37 -11.83 -16.40
N PHE A 464 21.02 -11.92 -15.24
CA PHE A 464 21.09 -13.15 -14.49
C PHE A 464 19.73 -13.47 -13.86
N SER A 465 19.56 -14.75 -13.50
CA SER A 465 18.32 -15.21 -12.91
C SER A 465 18.64 -16.30 -11.89
N GLY A 466 17.60 -16.73 -11.18
CA GLY A 466 17.74 -17.72 -10.14
C GLY A 466 18.17 -19.08 -10.66
N PRO A 467 17.55 -19.55 -11.74
CA PRO A 467 17.98 -20.83 -12.32
C PRO A 467 19.44 -20.83 -12.72
N LEU A 468 19.94 -19.72 -13.26
CA LEU A 468 21.34 -19.65 -13.64
C LEU A 468 22.25 -19.76 -12.41
N LEU A 469 21.87 -19.09 -11.32
CA LEU A 469 22.65 -19.20 -10.09
C LEU A 469 22.63 -20.62 -9.56
N VAL A 470 21.47 -21.28 -9.63
CA VAL A 470 21.38 -22.67 -9.17
C VAL A 470 22.32 -23.56 -9.99
N PHE A 471 22.33 -23.38 -11.31
CA PHE A 471 23.23 -24.18 -12.13
C PHE A 471 24.68 -23.88 -11.81
N GLU A 472 25.02 -22.60 -11.60
CA GLU A 472 26.40 -22.26 -11.27
C GLU A 472 26.82 -22.94 -9.98
N GLU A 473 25.94 -22.94 -8.98
CA GLU A 473 26.24 -23.63 -7.72
C GLU A 473 26.45 -25.13 -7.96
N ALA A 474 25.56 -25.75 -8.73
CA ALA A 474 25.67 -27.19 -8.95
C ALA A 474 26.97 -27.53 -9.69
N PHE A 475 27.31 -26.75 -10.71
CA PHE A 475 28.52 -27.03 -11.48
C PHE A 475 29.77 -26.76 -10.66
N PHE A 476 29.76 -25.72 -9.83
CA PHE A 476 30.90 -25.48 -8.94
C PHE A 476 31.07 -26.63 -7.98
N SER A 477 29.97 -27.15 -7.42
CA SER A 477 30.05 -28.31 -6.56
C SER A 477 30.62 -29.51 -7.29
N PHE A 478 30.16 -29.76 -8.51
CA PHE A 478 30.66 -30.89 -9.28
C PHE A 478 32.15 -30.75 -9.54
N CYS A 479 32.60 -29.55 -9.94
CA CYS A 479 34.00 -29.35 -10.22
C CYS A 479 34.85 -29.53 -8.97
N GLU A 480 34.38 -29.01 -7.83
CA GLU A 480 35.11 -29.21 -6.58
C GLU A 480 35.20 -30.69 -6.23
N THR A 481 34.11 -31.42 -6.39
CA THR A 481 34.11 -32.85 -6.07
C THR A 481 35.06 -33.62 -6.97
N ASN A 482 35.08 -33.29 -8.25
CA ASN A 482 35.88 -34.04 -9.23
C ASN A 482 37.25 -33.44 -9.46
N GLY A 483 37.64 -32.40 -8.71
CA GLY A 483 38.97 -31.83 -8.86
C GLY A 483 39.22 -31.16 -10.19
N LEU A 484 38.25 -30.39 -10.68
CA LEU A 484 38.37 -29.65 -11.94
C LEU A 484 38.29 -28.16 -11.65
N GLU A 485 38.84 -27.37 -12.55
CA GLU A 485 38.74 -25.92 -12.47
C GLU A 485 37.37 -25.49 -12.98
N TYR A 486 36.61 -24.82 -12.11
CA TYR A 486 35.23 -24.47 -12.42
C TYR A 486 35.17 -23.42 -13.54
N ILE A 487 36.09 -22.46 -13.52
CA ILE A 487 36.10 -21.39 -14.52
C ILE A 487 36.57 -21.86 -15.89
N VAL A 488 37.17 -23.04 -15.99
CA VAL A 488 37.55 -23.63 -17.28
C VAL A 488 36.47 -24.57 -17.79
N GLY A 489 35.83 -25.29 -16.88
CA GLY A 489 34.64 -26.04 -17.26
C GLY A 489 33.56 -25.13 -17.82
N ARG A 490 33.45 -23.92 -17.25
CA ARG A 490 32.52 -22.94 -17.80
C ARG A 490 32.92 -22.54 -19.21
N VAL A 491 34.23 -22.40 -19.47
CA VAL A 491 34.68 -22.07 -20.82
C VAL A 491 34.23 -23.13 -21.80
N TRP A 492 34.38 -24.40 -21.43
CA TRP A 492 33.99 -25.48 -22.34
C TRP A 492 32.47 -25.59 -22.48
N ILE A 493 31.73 -25.32 -21.40
CA ILE A 493 30.28 -25.22 -21.52
C ILE A 493 29.90 -24.13 -22.50
N GLY A 494 30.62 -23.00 -22.48
CA GLY A 494 30.34 -21.92 -23.41
C GLY A 494 30.64 -22.31 -24.85
N PHE A 495 31.75 -23.02 -25.07
CA PHE A 495 32.03 -23.54 -26.41
C PHE A 495 30.88 -24.41 -26.91
N TRP A 496 30.41 -25.32 -26.06
CA TRP A 496 29.33 -26.20 -26.47
C TRP A 496 28.03 -25.45 -26.66
N LEU A 497 27.78 -24.42 -25.85
CA LEU A 497 26.60 -23.59 -26.05
C LEU A 497 26.64 -22.89 -27.39
N ILE A 498 27.81 -22.36 -27.76
CA ILE A 498 27.95 -21.70 -29.06
C ILE A 498 27.64 -22.69 -30.18
N LEU A 499 28.25 -23.88 -30.11
CA LEU A 499 28.02 -24.86 -31.16
C LEU A 499 26.54 -25.25 -31.24
N LEU A 500 25.93 -25.50 -30.08
CA LEU A 500 24.55 -25.96 -30.04
C LEU A 500 23.60 -24.89 -30.57
N VAL A 501 23.79 -23.63 -30.18
CA VAL A 501 22.91 -22.57 -30.66
C VAL A 501 23.11 -22.34 -32.16
N VAL A 502 24.36 -22.43 -32.64
CA VAL A 502 24.59 -22.28 -34.06
C VAL A 502 23.86 -23.38 -34.84
N LEU A 503 23.90 -24.61 -34.33
CA LEU A 503 23.16 -25.70 -34.96
C LEU A 503 21.66 -25.46 -34.91
N VAL A 504 21.15 -24.99 -33.77
CA VAL A 504 19.71 -24.80 -33.61
C VAL A 504 19.22 -23.69 -34.53
N VAL A 505 20.03 -22.66 -34.75
CA VAL A 505 19.60 -21.57 -35.61
C VAL A 505 19.84 -21.89 -37.08
N ALA A 506 20.80 -22.77 -37.37
CA ALA A 506 20.98 -23.22 -38.75
C ALA A 506 19.77 -24.00 -39.23
N PHE A 507 19.21 -24.84 -38.36
CA PHE A 507 18.08 -25.70 -38.72
C PHE A 507 16.75 -25.16 -38.21
N GLU A 508 16.72 -23.91 -37.76
CA GLU A 508 15.47 -23.22 -37.44
C GLU A 508 14.66 -23.96 -36.38
N GLY A 509 15.36 -24.48 -35.37
CA GLY A 509 14.70 -25.16 -34.26
C GLY A 509 13.85 -24.26 -33.40
N SER A 510 13.97 -22.93 -33.54
CA SER A 510 13.13 -22.02 -32.79
C SER A 510 11.67 -22.08 -33.24
N PHE A 511 11.38 -22.76 -34.35
CA PHE A 511 10.00 -23.00 -34.73
C PHE A 511 9.24 -23.78 -33.66
N LEU A 512 9.95 -24.51 -32.80
CA LEU A 512 9.31 -25.26 -31.74
C LEU A 512 8.59 -24.35 -30.76
N VAL A 513 8.89 -23.05 -30.76
CA VAL A 513 8.24 -22.10 -29.88
C VAL A 513 6.74 -22.04 -30.15
N ARG A 514 6.30 -22.41 -31.35
CA ARG A 514 4.88 -22.37 -31.67
C ARG A 514 4.06 -23.36 -30.85
N PHE A 515 4.71 -24.37 -30.25
CA PHE A 515 4.01 -25.34 -29.43
C PHE A 515 3.78 -24.85 -28.00
N ILE A 516 4.40 -23.75 -27.61
CA ILE A 516 4.20 -23.15 -26.29
C ILE A 516 3.03 -22.19 -26.41
N SER A 517 1.90 -22.57 -25.82
CA SER A 517 0.67 -21.81 -25.92
C SER A 517 0.50 -20.90 -24.71
N ARG A 518 -0.65 -20.20 -24.66
CA ARG A 518 -0.94 -19.33 -23.53
C ARG A 518 -0.91 -20.11 -22.21
N TYR A 519 -1.22 -21.40 -22.26
CA TYR A 519 -1.18 -22.22 -21.05
C TYR A 519 0.21 -22.17 -20.40
N THR A 520 1.23 -22.63 -21.12
CA THR A 520 2.58 -22.64 -20.59
C THR A 520 3.10 -21.23 -20.35
N GLN A 521 2.83 -20.31 -21.27
CA GLN A 521 3.30 -18.94 -21.11
C GLN A 521 2.81 -18.35 -19.81
N GLU A 522 1.52 -18.50 -19.53
CA GLU A 522 0.93 -17.89 -18.35
C GLU A 522 1.28 -18.62 -17.08
N ILE A 523 1.41 -19.95 -17.11
CA ILE A 523 1.91 -20.66 -15.94
C ILE A 523 3.30 -20.15 -15.58
N PHE A 524 4.17 -20.02 -16.59
CA PHE A 524 5.53 -19.56 -16.34
C PHE A 524 5.55 -18.13 -15.84
N SER A 525 4.78 -17.24 -16.47
CA SER A 525 4.77 -15.85 -16.06
C SER A 525 4.24 -15.69 -14.64
N PHE A 526 3.15 -16.38 -14.32
CA PHE A 526 2.59 -16.32 -12.97
C PHE A 526 3.57 -16.85 -11.94
N LEU A 527 4.25 -17.96 -12.26
CA LEU A 527 5.23 -18.50 -11.33
C LEU A 527 6.37 -17.52 -11.09
N ILE A 528 6.85 -16.88 -12.16
CA ILE A 528 7.96 -15.93 -12.01
C ILE A 528 7.52 -14.74 -11.16
N SER A 529 6.31 -14.22 -11.40
CA SER A 529 5.83 -13.09 -10.59
C SER A 529 5.66 -13.49 -9.13
N LEU A 530 5.12 -14.67 -8.87
CA LEU A 530 4.95 -15.13 -7.50
C LEU A 530 6.31 -15.29 -6.82
N ILE A 531 7.30 -15.81 -7.54
CA ILE A 531 8.63 -15.94 -6.98
C ILE A 531 9.21 -14.57 -6.67
N PHE A 532 8.99 -13.60 -7.56
CA PHE A 532 9.46 -12.24 -7.32
C PHE A 532 8.89 -11.69 -6.02
N ILE A 533 7.57 -11.76 -5.87
CA ILE A 533 6.92 -11.20 -4.68
C ILE A 533 7.38 -11.95 -3.42
N TYR A 534 7.44 -13.28 -3.50
CA TYR A 534 7.85 -14.07 -2.35
C TYR A 534 9.28 -13.75 -1.95
N GLU A 535 10.16 -13.54 -2.92
CA GLU A 535 11.56 -13.28 -2.59
C GLU A 535 11.74 -11.91 -1.98
N THR A 536 11.02 -10.90 -2.46
CA THR A 536 11.11 -9.59 -1.80
C THR A 536 10.57 -9.67 -0.37
N PHE A 537 9.47 -10.38 -0.16
CA PHE A 537 8.94 -10.52 1.20
C PHE A 537 9.90 -11.30 2.09
N SER A 538 10.59 -12.31 1.52
CA SER A 538 11.55 -13.06 2.30
C SER A 538 12.77 -12.23 2.65
N LYS A 539 13.17 -11.31 1.75
CA LYS A 539 14.24 -10.37 2.10
C LYS A 539 13.83 -9.50 3.28
N LEU A 540 12.59 -9.01 3.27
CA LEU A 540 12.11 -8.20 4.40
C LEU A 540 12.11 -9.02 5.69
N ILE A 541 11.63 -10.27 5.62
CA ILE A 541 11.62 -11.12 6.80
C ILE A 541 13.03 -11.38 7.30
N LYS A 542 13.98 -11.53 6.37
CA LYS A 542 15.37 -11.69 6.76
C LYS A 542 15.88 -10.46 7.49
N ILE A 543 15.53 -9.27 7.01
CA ILE A 543 15.90 -8.06 7.73
C ILE A 543 15.35 -8.09 9.15
N PHE A 544 14.09 -8.52 9.30
CA PHE A 544 13.51 -8.60 10.64
C PHE A 544 14.20 -9.65 11.50
N GLN A 545 14.71 -10.71 10.89
CA GLN A 545 15.40 -11.75 11.65
C GLN A 545 16.79 -11.29 12.10
N ASP A 546 17.47 -10.51 11.26
CA ASP A 546 18.79 -10.01 11.63
C ASP A 546 18.70 -8.95 12.73
N HIS A 547 17.65 -8.12 12.71
CA HIS A 547 17.47 -7.05 13.68
C HIS A 547 16.09 -7.17 14.31
N PRO A 548 15.89 -8.15 15.17
CA PRO A 548 14.59 -8.31 15.83
C PRO A 548 14.28 -7.16 16.77
N LEU A 549 12.99 -6.96 17.02
CA LEU A 549 12.55 -5.96 17.98
C LEU A 549 12.81 -6.49 19.39
N GLN A 550 13.75 -5.86 20.09
CA GLN A 550 14.17 -6.30 21.41
C GLN A 550 13.95 -5.18 22.42
N LYS A 551 13.87 -5.57 23.69
CA LYS A 551 13.78 -4.58 24.76
C LYS A 551 15.05 -3.76 24.84
N THR A 552 16.21 -4.39 24.69
CA THR A 552 17.50 -3.72 24.77
C THR A 552 18.38 -4.20 23.63
N TYR A 553 19.38 -3.38 23.31
CA TYR A 553 20.35 -3.70 22.28
C TYR A 553 21.76 -3.42 22.78
N ASN A 554 22.74 -4.03 22.14
CA ASN A 554 24.15 -3.69 22.33
C ASN A 554 24.41 -2.48 21.46
N TYR A 555 24.16 -1.30 22.00
CA TYR A 555 24.11 -0.07 21.21
C TYR A 555 25.49 0.37 20.71
N ASN A 556 26.55 -0.42 20.90
CA ASN A 556 27.87 -0.14 20.34
C ASN A 556 28.30 -1.25 19.39
N VAL A 557 27.35 -1.77 18.60
CA VAL A 557 27.66 -2.88 17.70
C VAL A 557 28.58 -2.40 16.59
N LEU A 558 29.50 -3.27 16.17
CA LEU A 558 30.38 -2.97 15.05
C LEU A 558 29.62 -3.11 13.74
N MET A 559 29.87 -2.17 12.83
CA MET A 559 29.09 -2.03 11.60
C MET A 559 29.84 -2.49 10.36
N VAL A 560 31.03 -3.06 10.51
CA VAL A 560 31.89 -3.42 9.38
C VAL A 560 32.06 -4.93 9.38
N PRO A 561 31.86 -5.62 8.25
CA PRO A 561 31.42 -5.12 6.95
C PRO A 561 29.93 -4.77 6.97
N LYS A 562 29.16 -5.55 7.71
CA LYS A 562 27.75 -5.30 7.97
C LYS A 562 27.51 -5.46 9.47
N PRO A 563 26.46 -4.84 10.00
CA PRO A 563 26.25 -4.89 11.45
C PRO A 563 26.30 -6.30 12.00
N GLN A 564 27.09 -6.48 13.06
CA GLN A 564 27.33 -7.80 13.64
C GLN A 564 26.26 -8.23 14.63
N GLY A 565 25.35 -7.33 14.98
CA GLY A 565 24.28 -7.65 15.90
C GLY A 565 23.03 -6.86 15.60
N PRO A 566 21.94 -7.19 16.29
CA PRO A 566 20.69 -6.46 16.06
C PRO A 566 20.85 -4.97 16.34
N LEU A 567 20.15 -4.17 15.56
CA LEU A 567 20.11 -2.73 15.74
C LEU A 567 18.67 -2.27 15.87
N PRO A 568 18.41 -1.26 16.70
CA PRO A 568 17.03 -0.79 16.85
C PRO A 568 16.55 -0.03 15.63
N ASN A 569 15.24 -0.12 15.40
CA ASN A 569 14.55 0.71 14.41
C ASN A 569 14.88 0.31 12.98
N THR A 570 15.83 -0.61 12.80
CA THR A 570 16.26 -0.95 11.45
C THR A 570 15.18 -1.74 10.71
N ALA A 571 14.63 -2.76 11.36
CA ALA A 571 13.62 -3.59 10.70
C ALA A 571 12.34 -2.81 10.43
N LEU A 572 11.86 -2.07 11.44
CA LEU A 572 10.63 -1.30 11.27
C LEU A 572 10.82 -0.19 10.25
N LEU A 573 11.98 0.45 10.24
CA LEU A 573 12.23 1.49 9.25
C LEU A 573 12.32 0.91 7.84
N SER A 574 12.94 -0.27 7.70
CA SER A 574 12.96 -0.92 6.40
C SER A 574 11.55 -1.27 5.94
N LEU A 575 10.72 -1.78 6.84
CA LEU A 575 9.33 -2.07 6.50
C LEU A 575 8.60 -0.80 6.07
N VAL A 576 8.80 0.30 6.80
CA VAL A 576 8.14 1.55 6.47
C VAL A 576 8.60 2.04 5.11
N LEU A 577 9.90 1.98 4.83
CA LEU A 577 10.42 2.45 3.56
C LEU A 577 9.88 1.63 2.40
N MET A 578 9.86 0.30 2.55
CA MET A 578 9.30 -0.55 1.49
C MET A 578 7.83 -0.24 1.27
N ALA A 579 7.05 -0.15 2.36
CA ALA A 579 5.62 0.09 2.22
C ALA A 579 5.35 1.45 1.61
N GLY A 580 6.13 2.47 2.00
CA GLY A 580 5.93 3.79 1.44
C GLY A 580 6.27 3.85 -0.04
N THR A 581 7.37 3.19 -0.44
CA THR A 581 7.70 3.15 -1.86
C THR A 581 6.59 2.47 -2.65
N PHE A 582 6.12 1.33 -2.16
CA PHE A 582 5.05 0.61 -2.86
C PHE A 582 3.79 1.46 -2.95
N PHE A 583 3.42 2.11 -1.84
CA PHE A 583 2.19 2.89 -1.83
C PHE A 583 2.28 4.09 -2.76
N PHE A 584 3.42 4.79 -2.76
CA PHE A 584 3.56 5.94 -3.65
C PHE A 584 3.59 5.52 -5.10
N ALA A 585 4.24 4.39 -5.42
CA ALA A 585 4.23 3.91 -6.79
C ALA A 585 2.82 3.56 -7.24
N MET A 586 2.07 2.86 -6.39
CA MET A 586 0.70 2.49 -6.76
C MET A 586 -0.19 3.72 -6.90
N MET A 587 -0.02 4.71 -6.01
CA MET A 587 -0.85 5.91 -6.08
C MET A 587 -0.53 6.73 -7.32
N LEU A 588 0.75 6.82 -7.70
CA LEU A 588 1.08 7.53 -8.92
C LEU A 588 0.63 6.76 -10.16
N ARG A 589 0.62 5.42 -10.08
CA ARG A 589 0.02 4.64 -11.15
C ARG A 589 -1.47 4.96 -11.30
N LYS A 590 -2.17 5.06 -10.17
CA LYS A 590 -3.58 5.45 -10.22
C LYS A 590 -3.75 6.86 -10.78
N PHE A 591 -2.89 7.79 -10.36
CA PHE A 591 -2.99 9.17 -10.82
C PHE A 591 -2.72 9.29 -12.31
N LYS A 592 -1.88 8.41 -12.87
CA LYS A 592 -1.64 8.43 -14.30
C LYS A 592 -2.93 8.21 -15.07
N ASN A 593 -3.80 7.33 -14.58
CA ASN A 593 -5.05 6.97 -15.25
C ASN A 593 -6.25 7.70 -14.66
N SER A 594 -6.04 8.87 -14.07
CA SER A 594 -7.10 9.60 -13.40
C SER A 594 -7.51 10.82 -14.22
N SER A 595 -8.46 11.58 -13.68
CA SER A 595 -8.99 12.77 -14.33
C SER A 595 -8.38 14.06 -13.77
N TYR A 596 -7.38 13.97 -12.91
CA TYR A 596 -6.85 15.12 -12.20
C TYR A 596 -5.70 15.74 -12.98
N PHE A 597 -5.67 17.07 -12.99
CA PHE A 597 -4.61 17.88 -13.60
C PHE A 597 -4.73 17.82 -15.12
N PRO A 598 -4.03 18.69 -15.85
CA PRO A 598 -4.06 18.59 -17.31
C PRO A 598 -3.56 17.24 -17.78
N GLY A 599 -4.06 16.80 -18.94
CA GLY A 599 -3.78 15.45 -19.39
C GLY A 599 -2.29 15.21 -19.61
N LYS A 600 -1.62 16.14 -20.28
CA LYS A 600 -0.20 15.94 -20.59
C LYS A 600 0.64 15.91 -19.33
N LEU A 601 0.45 16.88 -18.44
CA LEU A 601 1.20 16.91 -17.20
C LEU A 601 0.89 15.69 -16.34
N ARG A 602 -0.37 15.28 -16.29
CA ARG A 602 -0.76 14.10 -15.53
C ARG A 602 -0.03 12.87 -16.06
N ARG A 603 -0.02 12.69 -17.38
CA ARG A 603 0.65 11.54 -17.97
C ARG A 603 2.15 11.57 -17.72
N VAL A 604 2.76 12.76 -17.81
CA VAL A 604 4.19 12.87 -17.58
C VAL A 604 4.53 12.53 -16.13
N ILE A 605 3.74 13.02 -15.18
CA ILE A 605 4.01 12.75 -13.77
C ILE A 605 3.77 11.28 -13.45
N GLY A 606 2.72 10.69 -14.03
CA GLY A 606 2.44 9.30 -13.78
C GLY A 606 3.40 8.34 -14.45
N ASP A 607 4.03 8.77 -15.54
CA ASP A 607 5.05 7.95 -16.18
C ASP A 607 6.35 7.96 -15.39
N PHE A 608 6.63 9.06 -14.68
CA PHE A 608 7.75 9.13 -13.75
C PHE A 608 7.34 8.71 -12.34
N GLY A 609 6.31 7.88 -12.21
CA GLY A 609 5.80 7.55 -10.90
C GLY A 609 6.80 6.77 -10.06
N VAL A 610 7.41 5.74 -10.64
CA VAL A 610 8.36 4.89 -9.92
C VAL A 610 9.60 5.71 -9.56
N PRO A 611 10.19 6.47 -10.49
CA PRO A 611 11.31 7.33 -10.11
C PRO A 611 10.97 8.33 -9.02
N ILE A 612 9.77 8.92 -9.08
CA ILE A 612 9.38 9.89 -8.06
C ILE A 612 9.25 9.21 -6.70
N SER A 613 8.65 8.01 -6.67
N SER A 613 8.65 8.02 -6.67
CA SER A 613 8.53 7.28 -5.41
CA SER A 613 8.53 7.28 -5.42
C SER A 613 9.91 6.92 -4.86
C SER A 613 9.91 6.92 -4.86
N ILE A 614 10.82 6.49 -5.73
CA ILE A 614 12.18 6.16 -5.28
C ILE A 614 12.84 7.39 -4.69
N LEU A 615 12.71 8.53 -5.37
CA LEU A 615 13.31 9.76 -4.87
C LEU A 615 12.71 10.16 -3.53
N ILE A 616 11.39 10.06 -3.41
CA ILE A 616 10.72 10.45 -2.17
C ILE A 616 11.22 9.59 -1.01
N MET A 617 11.27 8.27 -1.22
CA MET A 617 11.67 7.40 -0.11
C MET A 617 13.15 7.49 0.18
N VAL A 618 13.99 7.70 -0.84
CA VAL A 618 15.42 7.88 -0.60
C VAL A 618 15.67 9.16 0.17
N LEU A 619 14.90 10.22 -0.13
CA LEU A 619 15.04 11.47 0.62
C LEU A 619 14.54 11.29 2.06
N VAL A 620 13.44 10.55 2.24
CA VAL A 620 12.96 10.27 3.58
C VAL A 620 14.05 9.57 4.39
N ASP A 621 14.68 8.57 3.79
CA ASP A 621 15.76 7.86 4.46
C ASP A 621 16.97 8.75 4.68
N PHE A 622 17.22 9.70 3.78
CA PHE A 622 18.41 10.52 3.87
C PHE A 622 18.37 11.47 5.07
N PHE A 623 17.18 11.85 5.51
CA PHE A 623 17.02 12.78 6.63
C PHE A 623 16.85 12.06 7.96
N ILE A 624 16.97 10.74 7.99
CA ILE A 624 17.02 9.97 9.23
C ILE A 624 18.44 9.47 9.38
N GLN A 625 19.29 10.24 10.05
CA GLN A 625 20.72 9.93 10.08
C GLN A 625 21.08 8.93 11.17
N ASP A 626 20.20 8.68 12.14
CA ASP A 626 20.56 7.88 13.29
C ASP A 626 20.25 6.40 13.12
N THR A 627 19.23 6.06 12.33
CA THR A 627 18.90 4.66 12.08
C THR A 627 19.72 4.13 10.92
N TYR A 628 20.04 2.84 10.99
CA TYR A 628 20.80 2.15 9.96
C TYR A 628 19.85 1.43 9.02
N THR A 629 20.06 1.61 7.71
CA THR A 629 19.42 0.80 6.69
C THR A 629 20.49 0.38 5.69
N GLN A 630 20.40 -0.86 5.23
CA GLN A 630 21.34 -1.35 4.23
C GLN A 630 21.16 -0.59 2.92
N LYS A 631 22.28 -0.22 2.30
CA LYS A 631 22.30 0.53 1.06
C LYS A 631 22.85 -0.33 -0.07
N LEU A 632 22.66 0.16 -1.29
CA LEU A 632 23.24 -0.51 -2.45
C LEU A 632 24.76 -0.47 -2.36
N SER A 633 25.39 -1.60 -2.67
CA SER A 633 26.84 -1.72 -2.65
C SER A 633 27.31 -2.21 -4.02
N VAL A 634 28.31 -1.53 -4.56
CA VAL A 634 28.89 -1.91 -5.85
C VAL A 634 30.38 -2.12 -5.63
N PRO A 635 31.02 -2.92 -6.49
CA PRO A 635 32.47 -3.11 -6.35
C PRO A 635 33.21 -1.79 -6.46
N ASP A 636 34.36 -1.71 -5.78
CA ASP A 636 35.13 -0.49 -5.76
C ASP A 636 35.75 -0.15 -7.11
N GLY A 637 35.82 -1.11 -8.03
CA GLY A 637 36.38 -0.84 -9.34
C GLY A 637 36.08 -1.98 -10.30
N PHE A 638 36.61 -1.83 -11.52
CA PHE A 638 36.43 -2.83 -12.57
C PHE A 638 37.56 -3.84 -12.46
N LYS A 639 37.40 -4.78 -11.53
CA LYS A 639 38.41 -5.78 -11.24
C LYS A 639 37.72 -7.13 -11.06
N VAL A 640 38.49 -8.19 -11.27
CA VAL A 640 37.97 -9.54 -11.02
C VAL A 640 37.77 -9.73 -9.53
N SER A 641 36.70 -10.44 -9.16
CA SER A 641 36.38 -10.60 -7.75
C SER A 641 37.47 -11.34 -6.99
N ASN A 642 38.19 -12.24 -7.65
CA ASN A 642 39.28 -13.01 -7.04
C ASN A 642 40.46 -12.98 -8.00
N SER A 643 41.40 -12.07 -7.77
CA SER A 643 42.56 -11.99 -8.62
C SER A 643 43.40 -13.26 -8.54
N SER A 644 43.52 -13.83 -7.34
CA SER A 644 44.30 -15.05 -7.17
C SER A 644 43.70 -16.22 -7.92
N ALA A 645 42.37 -16.28 -8.02
CA ALA A 645 41.72 -17.40 -8.70
C ALA A 645 41.98 -17.36 -10.20
N ARG A 646 41.59 -16.26 -10.85
CA ARG A 646 41.68 -16.18 -12.31
C ARG A 646 41.85 -14.73 -12.72
N GLY A 647 42.29 -14.56 -13.97
CA GLY A 647 42.39 -13.24 -14.57
C GLY A 647 41.21 -12.95 -15.49
N TRP A 648 41.36 -11.89 -16.28
CA TRP A 648 40.26 -11.47 -17.15
C TRP A 648 39.92 -12.53 -18.18
N VAL A 649 40.93 -13.11 -18.82
CA VAL A 649 40.75 -14.09 -19.88
C VAL A 649 41.07 -15.47 -19.33
N ILE A 650 40.18 -16.42 -19.55
CA ILE A 650 40.34 -17.79 -19.07
C ILE A 650 40.98 -18.62 -20.18
N HIS A 651 42.07 -19.29 -19.86
CA HIS A 651 42.69 -20.21 -20.80
C HIS A 651 41.88 -21.51 -20.85
N PRO A 652 41.34 -21.90 -22.01
CA PRO A 652 40.54 -23.14 -22.04
C PRO A 652 41.32 -24.38 -21.66
N LEU A 653 42.62 -24.42 -21.92
CA LEU A 653 43.42 -25.60 -21.60
C LEU A 653 43.76 -25.70 -20.12
N GLY A 654 43.45 -24.68 -19.32
CA GLY A 654 43.67 -24.72 -17.89
C GLY A 654 44.50 -23.55 -17.40
N LEU A 655 44.31 -23.22 -16.12
CA LEU A 655 45.06 -22.15 -15.46
C LEU A 655 46.22 -22.67 -14.64
N ARG A 656 45.95 -23.58 -13.70
CA ARG A 656 46.97 -24.17 -12.85
C ARG A 656 47.10 -25.67 -13.04
N SER A 657 46.17 -26.31 -13.76
CA SER A 657 46.28 -27.72 -14.08
C SER A 657 45.67 -27.94 -15.47
N GLU A 658 46.13 -29.00 -16.14
CA GLU A 658 45.59 -29.34 -17.44
C GLU A 658 44.13 -29.73 -17.31
N PHE A 659 43.31 -29.24 -18.23
CA PHE A 659 41.90 -29.60 -18.24
C PHE A 659 41.72 -30.96 -18.92
N PRO A 660 41.06 -31.91 -18.28
CA PRO A 660 40.92 -33.24 -18.88
C PRO A 660 40.12 -33.23 -20.17
N ILE A 661 40.47 -34.16 -21.06
CA ILE A 661 39.74 -34.29 -22.32
C ILE A 661 38.36 -34.87 -22.09
N TRP A 662 38.24 -35.84 -21.17
CA TRP A 662 36.94 -36.42 -20.89
C TRP A 662 35.95 -35.34 -20.46
N MET A 663 36.41 -34.37 -19.66
CA MET A 663 35.54 -33.26 -19.30
C MET A 663 35.34 -32.31 -20.48
N MET A 664 36.35 -32.18 -21.34
CA MET A 664 36.18 -31.38 -22.55
C MET A 664 35.01 -31.88 -23.36
N PHE A 665 34.77 -33.19 -23.34
CA PHE A 665 33.64 -33.76 -24.08
C PHE A 665 32.37 -33.78 -23.24
N ALA A 666 32.48 -34.06 -21.95
CA ALA A 666 31.32 -34.13 -21.07
C ALA A 666 30.72 -32.77 -20.77
N SER A 667 31.40 -31.68 -21.12
CA SER A 667 30.83 -30.36 -21.01
C SER A 667 29.63 -30.14 -21.93
N ALA A 668 29.29 -31.14 -22.76
CA ALA A 668 28.14 -31.04 -23.65
C ALA A 668 26.82 -31.23 -22.92
N LEU A 669 26.82 -31.95 -21.80
CA LEU A 669 25.59 -32.19 -21.05
C LEU A 669 25.23 -30.97 -20.19
N PRO A 670 26.19 -30.42 -19.43
CA PRO A 670 25.91 -29.12 -18.79
C PRO A 670 25.57 -28.05 -19.80
N ALA A 671 26.21 -28.09 -20.97
CA ALA A 671 25.87 -27.15 -22.04
C ALA A 671 24.43 -27.33 -22.48
N LEU A 672 23.98 -28.57 -22.61
CA LEU A 672 22.60 -28.82 -22.99
C LEU A 672 21.64 -28.31 -21.93
N LEU A 673 21.96 -28.53 -20.65
CA LEU A 673 21.08 -28.04 -19.58
C LEU A 673 20.99 -26.52 -19.60
N VAL A 674 22.14 -25.86 -19.72
CA VAL A 674 22.16 -24.40 -19.75
C VAL A 674 21.41 -23.88 -20.97
N PHE A 675 21.59 -24.54 -22.12
CA PHE A 675 20.88 -24.13 -23.31
C PHE A 675 19.38 -24.26 -23.13
N ILE A 676 18.92 -25.37 -22.53
CA ILE A 676 17.49 -25.53 -22.31
C ILE A 676 16.98 -24.42 -21.41
N LEU A 677 17.69 -24.13 -20.32
CA LEU A 677 17.26 -23.08 -19.41
C LEU A 677 17.13 -21.74 -20.14
N ILE A 678 18.20 -21.33 -20.82
CA ILE A 678 18.22 -20.02 -21.46
C ILE A 678 17.19 -19.96 -22.57
N PHE A 679 17.13 -21.00 -23.41
CA PHE A 679 16.17 -21.03 -24.51
C PHE A 679 14.75 -20.89 -23.98
N LEU A 680 14.37 -21.71 -23.02
CA LEU A 680 13.00 -21.67 -22.53
C LEU A 680 12.69 -20.30 -21.95
N GLU A 681 13.54 -19.80 -21.06
CA GLU A 681 13.27 -18.52 -20.42
C GLU A 681 13.13 -17.42 -21.46
N SER A 682 14.13 -17.28 -22.33
CA SER A 682 14.14 -16.19 -23.29
C SER A 682 12.99 -16.28 -24.28
N GLN A 683 12.70 -17.48 -24.78
CA GLN A 683 11.66 -17.62 -25.79
C GLN A 683 10.28 -17.39 -25.20
N ILE A 684 10.03 -17.86 -23.97
CA ILE A 684 8.73 -17.59 -23.36
C ILE A 684 8.61 -16.10 -23.04
N THR A 685 9.71 -15.45 -22.63
CA THR A 685 9.65 -14.00 -22.42
C THR A 685 9.32 -13.28 -23.72
N THR A 686 9.94 -13.69 -24.82
CA THR A 686 9.65 -13.09 -26.12
C THR A 686 8.20 -13.31 -26.51
N LEU A 687 7.67 -14.50 -26.26
CA LEU A 687 6.26 -14.76 -26.53
C LEU A 687 5.37 -13.83 -25.72
N ILE A 688 5.70 -13.63 -24.44
CA ILE A 688 4.86 -12.83 -23.56
C ILE A 688 4.86 -11.37 -24.01
N VAL A 689 6.04 -10.83 -24.32
CA VAL A 689 6.13 -9.42 -24.67
C VAL A 689 5.64 -9.12 -26.08
N SER A 690 5.58 -10.14 -26.95
CA SER A 690 5.21 -9.95 -28.35
C SER A 690 3.76 -10.32 -28.63
N LYS A 691 2.94 -10.43 -27.60
CA LYS A 691 1.55 -10.79 -27.79
C LYS A 691 0.83 -9.72 -28.62
N PRO A 692 -0.15 -10.12 -29.45
CA PRO A 692 -0.88 -9.11 -30.23
C PRO A 692 -1.59 -8.08 -29.38
N GLU A 693 -2.02 -8.46 -28.17
CA GLU A 693 -2.73 -7.52 -27.30
C GLU A 693 -1.84 -6.33 -26.95
N ARG A 694 -0.55 -6.57 -26.75
CA ARG A 694 0.36 -5.53 -26.28
C ARG A 694 0.67 -4.48 -27.34
N LYS A 695 0.24 -4.69 -28.59
CA LYS A 695 0.34 -3.68 -29.63
C LYS A 695 1.78 -3.41 -30.05
N MET A 696 2.57 -4.47 -30.21
CA MET A 696 3.88 -4.38 -30.82
C MET A 696 3.75 -4.60 -32.32
N VAL A 697 4.45 -3.78 -33.11
CA VAL A 697 4.21 -3.75 -34.54
C VAL A 697 5.51 -3.87 -35.33
N LYS A 698 6.66 -3.72 -34.66
CA LYS A 698 7.93 -3.78 -35.35
C LYS A 698 8.46 -5.19 -35.52
N GLY A 699 7.82 -6.18 -34.91
CA GLY A 699 8.22 -7.56 -35.07
C GLY A 699 9.23 -8.01 -34.02
N SER A 700 9.32 -9.32 -33.85
CA SER A 700 10.25 -9.93 -32.91
C SER A 700 10.94 -11.10 -33.58
N GLY A 701 12.25 -11.22 -33.36
CA GLY A 701 13.01 -12.31 -33.91
C GLY A 701 13.39 -13.35 -32.88
N PHE A 702 12.72 -14.50 -32.92
CA PHE A 702 13.08 -15.59 -32.02
C PHE A 702 14.47 -16.15 -32.35
N HIS A 703 14.74 -16.35 -33.64
CA HIS A 703 16.01 -16.93 -34.04
C HIS A 703 17.17 -15.99 -33.74
N LEU A 704 17.05 -14.73 -34.15
CA LEU A 704 18.13 -13.78 -33.93
C LEU A 704 18.38 -13.55 -32.44
N ASP A 705 17.31 -13.40 -31.66
CA ASP A 705 17.47 -13.17 -30.23
C ASP A 705 18.09 -14.38 -29.55
N LEU A 706 17.65 -15.59 -29.89
CA LEU A 706 18.24 -16.79 -29.32
C LEU A 706 19.73 -16.87 -29.66
N LEU A 707 20.06 -16.66 -30.94
CA LEU A 707 21.45 -16.70 -31.35
C LEU A 707 22.27 -15.69 -30.56
N LEU A 708 21.80 -14.45 -30.50
CA LEU A 708 22.55 -13.40 -29.81
C LEU A 708 22.77 -13.77 -28.35
N VAL A 709 21.71 -14.12 -27.64
CA VAL A 709 21.83 -14.32 -26.20
C VAL A 709 22.74 -15.52 -25.91
N VAL A 710 22.51 -16.65 -26.58
CA VAL A 710 23.26 -17.85 -26.24
C VAL A 710 24.72 -17.73 -26.72
N GLY A 711 24.94 -17.17 -27.90
CA GLY A 711 26.31 -16.98 -28.36
C GLY A 711 27.08 -16.00 -27.49
N MET A 712 26.43 -14.92 -27.07
CA MET A 712 27.08 -13.97 -26.18
C MET A 712 27.42 -14.63 -24.85
N GLY A 713 26.52 -15.45 -24.31
CA GLY A 713 26.83 -16.16 -23.08
C GLY A 713 28.00 -17.11 -23.22
N GLY A 714 28.03 -17.86 -24.34
CA GLY A 714 29.16 -18.73 -24.59
C GLY A 714 30.47 -17.97 -24.71
N VAL A 715 30.44 -16.82 -25.37
CA VAL A 715 31.65 -16.01 -25.50
C VAL A 715 32.05 -15.43 -24.15
N ALA A 716 31.08 -15.04 -23.33
CA ALA A 716 31.36 -14.49 -22.02
C ALA A 716 31.97 -15.52 -21.09
N ALA A 717 31.62 -16.80 -21.26
CA ALA A 717 32.27 -17.85 -20.49
C ALA A 717 33.78 -17.85 -20.72
N LEU A 718 34.24 -17.40 -21.89
CA LEU A 718 35.67 -17.33 -22.17
C LEU A 718 36.38 -16.27 -21.36
N PHE A 719 35.65 -15.30 -20.83
CA PHE A 719 36.21 -14.26 -19.96
C PHE A 719 35.83 -14.47 -18.51
N GLY A 720 35.18 -15.57 -18.18
CA GLY A 720 34.77 -15.85 -16.82
C GLY A 720 33.48 -15.18 -16.38
N MET A 721 32.81 -14.47 -17.28
CA MET A 721 31.58 -13.78 -16.93
C MET A 721 30.39 -14.71 -17.02
N PRO A 722 29.28 -14.39 -16.36
CA PRO A 722 28.08 -15.22 -16.48
C PRO A 722 27.48 -15.17 -17.88
N TRP A 723 26.76 -16.23 -18.22
CA TRP A 723 25.88 -16.21 -19.39
C TRP A 723 24.48 -15.85 -18.92
N LEU A 724 23.85 -14.93 -19.63
CA LEU A 724 22.62 -14.30 -19.18
C LEU A 724 21.42 -14.87 -19.93
N SER A 725 20.25 -14.32 -19.63
CA SER A 725 19.00 -14.75 -20.22
C SER A 725 18.05 -13.57 -20.28
N ALA A 726 17.19 -13.55 -21.29
CA ALA A 726 16.13 -12.54 -21.36
C ALA A 726 15.13 -12.83 -20.26
N THR A 727 15.19 -12.05 -19.19
CA THR A 727 14.41 -12.31 -17.99
C THR A 727 12.97 -11.83 -18.16
N THR A 728 12.06 -12.54 -17.49
CA THR A 728 10.63 -12.33 -17.72
C THR A 728 10.13 -11.05 -17.07
N VAL A 729 10.26 -10.94 -15.75
CA VAL A 729 9.68 -9.80 -15.04
C VAL A 729 10.32 -8.50 -15.52
N ARG A 730 11.64 -8.49 -15.67
CA ARG A 730 12.32 -7.27 -16.11
C ARG A 730 11.86 -6.85 -17.50
N SER A 731 11.76 -7.80 -18.43
CA SER A 731 11.35 -7.49 -19.80
C SER A 731 9.90 -7.03 -19.84
N VAL A 732 9.02 -7.68 -19.07
CA VAL A 732 7.62 -7.27 -19.05
C VAL A 732 7.48 -5.89 -18.45
N THR A 733 8.24 -5.59 -17.38
CA THR A 733 8.21 -4.26 -16.79
C THR A 733 8.71 -3.22 -17.78
N HIS A 734 9.77 -3.55 -18.52
CA HIS A 734 10.28 -2.62 -19.52
C HIS A 734 9.25 -2.35 -20.60
N ALA A 735 8.58 -3.40 -21.08
CA ALA A 735 7.56 -3.23 -22.11
C ALA A 735 6.38 -2.42 -21.59
N ASN A 736 5.95 -2.67 -20.35
CA ASN A 736 4.85 -1.91 -19.77
C ASN A 736 5.22 -0.45 -19.57
N ALA A 737 6.46 -0.18 -19.16
CA ALA A 737 6.88 1.19 -18.95
C ALA A 737 6.88 1.98 -20.26
N LEU A 738 7.03 1.30 -21.38
CA LEU A 738 7.00 1.94 -22.69
C LEU A 738 5.63 1.90 -23.34
N THR A 739 4.63 1.32 -22.68
CA THR A 739 3.31 1.19 -23.27
C THR A 739 2.51 2.47 -23.05
N VAL A 740 1.84 2.93 -24.10
CA VAL A 740 1.00 4.12 -24.07
C VAL A 740 -0.44 3.65 -23.96
N MET A 741 -1.13 4.10 -22.92
CA MET A 741 -2.53 3.73 -22.71
C MET A 741 -3.44 4.72 -23.41
N GLY A 742 -4.27 4.20 -24.30
CA GLY A 742 -5.21 5.05 -25.01
C GLY A 742 -6.30 5.60 -24.09
N LYS A 743 -6.79 6.79 -24.45
CA LYS A 743 -7.84 7.44 -23.68
C LYS A 743 -9.21 7.19 -24.31
N ALA A 751 -8.60 2.43 -20.83
CA ALA A 751 -8.57 1.02 -20.51
C ALA A 751 -8.13 0.18 -21.70
N GLN A 752 -7.39 0.81 -22.62
CA GLN A 752 -6.89 0.16 -23.82
C GLN A 752 -5.44 0.54 -24.04
N ILE A 753 -4.74 -0.29 -24.79
CA ILE A 753 -3.33 -0.08 -25.12
C ILE A 753 -3.28 0.56 -26.49
N GLN A 754 -2.89 1.83 -26.56
CA GLN A 754 -2.78 2.51 -27.84
C GLN A 754 -1.61 1.98 -28.66
N GLU A 755 -0.45 1.87 -28.04
CA GLU A 755 0.77 1.47 -28.76
C GLU A 755 1.86 1.17 -27.73
N VAL A 756 3.05 0.88 -28.23
CA VAL A 756 4.24 0.68 -27.42
C VAL A 756 5.38 1.43 -28.08
N LYS A 757 6.17 2.15 -27.27
CA LYS A 757 7.34 2.87 -27.77
C LYS A 757 8.47 1.87 -27.91
N GLU A 758 8.49 1.18 -29.05
CA GLU A 758 9.52 0.21 -29.36
C GLU A 758 10.73 0.95 -29.93
N GLN A 759 11.89 0.74 -29.31
CA GLN A 759 13.12 1.41 -29.74
C GLN A 759 14.29 0.72 -29.05
N ARG A 760 15.49 1.08 -29.49
CA ARG A 760 16.72 0.45 -29.01
C ARG A 760 17.47 1.29 -27.99
N ILE A 761 16.94 2.46 -27.62
CA ILE A 761 17.68 3.39 -26.78
C ILE A 761 17.50 3.10 -25.30
N SER A 762 16.31 2.67 -24.89
CA SER A 762 16.06 2.46 -23.46
C SER A 762 16.89 1.30 -22.93
N GLY A 763 16.89 0.17 -23.64
CA GLY A 763 17.72 -0.95 -23.23
C GLY A 763 19.20 -0.64 -23.31
N LEU A 764 19.60 0.08 -24.35
CA LEU A 764 21.01 0.47 -24.47
C LEU A 764 21.44 1.34 -23.30
N LEU A 765 20.61 2.31 -22.92
CA LEU A 765 20.96 3.21 -21.84
C LEU A 765 20.92 2.48 -20.49
N VAL A 766 19.98 1.55 -20.32
CA VAL A 766 19.94 0.77 -19.09
C VAL A 766 21.22 -0.06 -18.96
N ALA A 767 21.64 -0.70 -20.05
CA ALA A 767 22.87 -1.50 -20.01
C ALA A 767 24.09 -0.63 -19.77
N VAL A 768 24.13 0.55 -20.39
CA VAL A 768 25.26 1.46 -20.17
C VAL A 768 25.30 1.91 -18.71
N LEU A 769 24.15 2.24 -18.14
CA LEU A 769 24.10 2.67 -16.74
C LEU A 769 24.51 1.54 -15.81
N VAL A 770 24.08 0.32 -16.09
CA VAL A 770 24.50 -0.82 -15.27
C VAL A 770 26.00 -1.04 -15.39
N GLY A 771 26.56 -0.78 -16.57
CA GLY A 771 28.01 -0.88 -16.72
C GLY A 771 28.77 0.26 -16.11
N LEU A 772 28.12 1.37 -15.83
CA LEU A 772 28.74 2.53 -15.19
C LEU A 772 28.41 2.62 -13.71
N SER A 773 27.74 1.61 -13.15
CA SER A 773 27.31 1.70 -11.76
C SER A 773 28.47 1.67 -10.79
N ILE A 774 29.61 1.10 -11.19
CA ILE A 774 30.77 1.08 -10.31
C ILE A 774 31.31 2.50 -10.12
N LEU A 775 31.13 3.36 -11.11
CA LEU A 775 31.51 4.76 -11.00
C LEU A 775 30.43 5.61 -10.31
N MET A 776 29.25 5.05 -10.08
CA MET A 776 28.14 5.78 -9.48
C MET A 776 27.97 5.46 -8.00
N GLU A 777 29.03 4.99 -7.34
CA GLU A 777 28.94 4.65 -5.92
C GLU A 777 28.41 5.79 -5.05
N PRO A 778 28.85 7.04 -5.20
CA PRO A 778 28.33 8.09 -4.31
C PRO A 778 26.82 8.22 -4.34
N ILE A 779 26.19 7.98 -5.48
CA ILE A 779 24.73 8.07 -5.55
C ILE A 779 24.09 6.79 -5.04
N LEU A 780 24.61 5.63 -5.46
CA LEU A 780 23.96 4.36 -5.13
C LEU A 780 24.07 4.03 -3.66
N SER A 781 25.13 4.48 -2.99
CA SER A 781 25.29 4.23 -1.57
C SER A 781 24.25 4.95 -0.71
N ARG A 782 23.50 5.87 -1.28
CA ARG A 782 22.45 6.58 -0.57
C ARG A 782 21.08 5.93 -0.72
N ILE A 783 20.97 4.83 -1.48
CA ILE A 783 19.69 4.25 -1.83
C ILE A 783 19.46 3.02 -0.95
N PRO A 784 18.49 3.03 -0.04
CA PRO A 784 18.23 1.83 0.76
C PRO A 784 17.72 0.68 -0.08
N LEU A 785 17.99 -0.53 0.40
CA LEU A 785 17.46 -1.73 -0.24
C LEU A 785 15.97 -1.90 -0.01
N ALA A 786 15.41 -1.28 1.03
CA ALA A 786 13.98 -1.41 1.30
C ALA A 786 13.16 -0.61 0.29
N VAL A 787 13.65 0.54 -0.15
CA VAL A 787 12.98 1.27 -1.22
C VAL A 787 12.92 0.41 -2.48
N LEU A 788 14.04 -0.23 -2.83
CA LEU A 788 14.04 -1.12 -3.98
C LEU A 788 13.17 -2.35 -3.74
N PHE A 789 13.04 -2.80 -2.49
CA PHE A 789 12.11 -3.89 -2.20
C PHE A 789 10.68 -3.47 -2.51
N GLY A 790 10.31 -2.24 -2.13
CA GLY A 790 9.00 -1.73 -2.49
C GLY A 790 8.81 -1.67 -4.00
N ILE A 791 9.86 -1.24 -4.71
CA ILE A 791 9.78 -1.18 -6.18
C ILE A 791 9.63 -2.59 -6.76
N PHE A 792 10.30 -3.58 -6.17
CA PHE A 792 10.18 -4.95 -6.67
C PHE A 792 8.79 -5.51 -6.40
N LEU A 793 8.20 -5.17 -5.26
CA LEU A 793 6.82 -5.56 -5.02
C LEU A 793 5.88 -4.93 -6.04
N TYR A 794 6.12 -3.66 -6.36
CA TYR A 794 5.34 -2.99 -7.41
C TYR A 794 5.49 -3.71 -8.74
N MET A 795 6.72 -4.07 -9.11
CA MET A 795 6.96 -4.78 -10.36
C MET A 795 6.23 -6.11 -10.37
N GLY A 796 6.31 -6.85 -9.25
CA GLY A 796 5.66 -8.15 -9.20
C GLY A 796 4.15 -8.05 -9.33
N VAL A 797 3.53 -7.09 -8.65
CA VAL A 797 2.08 -6.97 -8.73
C VAL A 797 1.65 -6.47 -10.10
N THR A 798 2.40 -5.53 -10.69
CA THR A 798 2.01 -4.99 -11.99
C THR A 798 2.33 -5.93 -13.14
N SER A 799 3.19 -6.93 -12.92
CA SER A 799 3.41 -7.94 -13.95
C SER A 799 2.26 -8.94 -14.04
N LEU A 800 1.40 -9.00 -13.03
CA LEU A 800 0.27 -9.91 -13.07
C LEU A 800 -0.83 -9.43 -14.00
N SER A 801 -0.83 -8.16 -14.37
CA SER A 801 -1.86 -7.63 -15.26
C SER A 801 -1.69 -8.21 -16.66
N GLY A 802 -2.82 -8.55 -17.28
CA GLY A 802 -2.81 -9.11 -18.62
C GLY A 802 -2.69 -10.62 -18.67
N ILE A 803 -2.62 -11.29 -17.53
CA ILE A 803 -2.50 -12.75 -17.48
C ILE A 803 -3.86 -13.32 -17.11
N GLN A 804 -4.44 -14.08 -18.03
CA GLN A 804 -5.78 -14.62 -17.83
C GLN A 804 -5.83 -15.63 -16.69
N LEU A 805 -4.70 -16.27 -16.37
CA LEU A 805 -4.68 -17.17 -15.22
C LEU A 805 -4.95 -16.39 -13.93
N PHE A 806 -4.34 -15.22 -13.79
CA PHE A 806 -4.60 -14.38 -12.62
C PHE A 806 -6.06 -13.91 -12.59
N ASP A 807 -6.59 -13.52 -13.75
CA ASP A 807 -7.99 -13.11 -13.81
C ASP A 807 -8.92 -14.24 -13.38
N ARG A 808 -8.65 -15.45 -13.85
CA ARG A 808 -9.50 -16.59 -13.51
C ARG A 808 -9.31 -17.01 -12.06
N ILE A 809 -8.12 -16.78 -11.50
CA ILE A 809 -7.93 -16.99 -10.06
C ILE A 809 -8.79 -16.02 -9.28
N LEU A 810 -8.83 -14.76 -9.71
CA LEU A 810 -9.72 -13.79 -9.06
C LEU A 810 -11.18 -14.20 -9.21
N LEU A 811 -11.55 -14.76 -10.35
CA LEU A 811 -12.92 -15.22 -10.56
C LEU A 811 -13.30 -16.34 -9.61
N LEU A 812 -12.33 -17.06 -9.05
CA LEU A 812 -12.65 -18.12 -8.10
C LEU A 812 -13.36 -17.59 -6.86
N PHE A 813 -13.18 -16.32 -6.55
CA PHE A 813 -13.73 -15.73 -5.34
C PHE A 813 -14.97 -14.87 -5.61
N LYS A 814 -15.11 -14.33 -6.80
CA LYS A 814 -16.31 -13.58 -7.13
C LYS A 814 -17.47 -14.54 -7.45
N PRO A 815 -18.70 -14.16 -7.11
CA PRO A 815 -19.86 -14.95 -7.54
C PRO A 815 -20.00 -14.91 -9.05
N PRO A 816 -20.64 -15.91 -9.66
CA PRO A 816 -20.72 -15.95 -11.13
C PRO A 816 -21.37 -14.72 -11.74
N LYS A 817 -22.30 -14.06 -11.03
CA LYS A 817 -22.98 -12.91 -11.61
C LYS A 817 -22.06 -11.73 -11.84
N TYR A 818 -20.87 -11.71 -11.24
CA TYR A 818 -19.92 -10.63 -11.42
C TYR A 818 -18.81 -10.98 -12.40
N HIS A 819 -18.88 -12.14 -13.05
CA HIS A 819 -17.81 -12.55 -13.93
C HIS A 819 -17.85 -11.74 -15.22
N PRO A 820 -16.70 -11.35 -15.77
CA PRO A 820 -16.69 -10.44 -16.92
C PRO A 820 -17.35 -11.03 -18.15
N ASP A 821 -17.43 -10.20 -19.19
CA ASP A 821 -17.98 -10.61 -20.48
C ASP A 821 -16.82 -11.04 -21.39
N VAL A 822 -16.34 -12.26 -21.16
CA VAL A 822 -15.24 -12.81 -21.92
C VAL A 822 -15.68 -14.18 -22.46
N PRO A 823 -15.04 -14.65 -23.53
CA PRO A 823 -15.46 -15.93 -24.12
C PRO A 823 -15.41 -17.11 -23.16
N TYR A 824 -14.43 -17.17 -22.27
CA TYR A 824 -14.35 -18.31 -21.36
C TYR A 824 -15.31 -18.19 -20.17
N VAL A 825 -15.97 -17.05 -20.02
CA VAL A 825 -17.02 -16.92 -19.00
C VAL A 825 -18.39 -17.26 -19.57
N LYS A 826 -18.66 -16.84 -20.81
CA LYS A 826 -19.97 -17.07 -21.42
C LYS A 826 -20.08 -18.40 -22.13
N ARG A 827 -18.96 -18.95 -22.61
CA ARG A 827 -19.00 -20.20 -23.36
C ARG A 827 -18.67 -21.42 -22.51
N VAL A 828 -18.05 -21.22 -21.35
CA VAL A 828 -17.66 -22.31 -20.47
C VAL A 828 -18.48 -22.21 -19.18
N LYS A 829 -18.94 -23.36 -18.70
CA LYS A 829 -19.63 -23.39 -17.43
C LYS A 829 -18.68 -23.01 -16.30
N THR A 830 -19.22 -22.36 -15.27
CA THR A 830 -18.38 -21.77 -14.23
C THR A 830 -17.48 -22.82 -13.58
N TRP A 831 -18.04 -23.98 -13.25
CA TRP A 831 -17.26 -24.99 -12.56
C TRP A 831 -16.18 -25.58 -13.47
N ARG A 832 -16.41 -25.62 -14.78
CA ARG A 832 -15.41 -26.14 -15.68
C ARG A 832 -14.25 -25.16 -15.86
N MET A 833 -14.56 -23.86 -15.94
CA MET A 833 -13.50 -22.86 -15.96
C MET A 833 -12.71 -22.88 -14.66
N HIS A 834 -13.41 -23.06 -13.53
CA HIS A 834 -12.72 -23.18 -12.25
C HIS A 834 -11.85 -24.42 -12.19
N LEU A 835 -12.31 -25.52 -12.79
CA LEU A 835 -11.50 -26.73 -12.85
C LEU A 835 -10.25 -26.53 -13.71
N PHE A 836 -10.40 -25.82 -14.84
CA PHE A 836 -9.25 -25.47 -15.65
C PHE A 836 -8.23 -24.66 -14.84
N THR A 837 -8.71 -23.64 -14.14
CA THR A 837 -7.83 -22.83 -13.30
C THR A 837 -7.21 -23.67 -12.19
N GLY A 838 -7.95 -24.64 -11.66
CA GLY A 838 -7.43 -25.47 -10.60
C GLY A 838 -6.32 -26.39 -11.08
N ILE A 839 -6.47 -26.94 -12.28
CA ILE A 839 -5.39 -27.74 -12.85
C ILE A 839 -4.16 -26.87 -13.07
N GLN A 840 -4.36 -25.64 -13.54
CA GLN A 840 -3.22 -24.74 -13.69
C GLN A 840 -2.57 -24.42 -12.35
N ILE A 841 -3.39 -24.27 -11.30
CA ILE A 841 -2.86 -24.00 -9.96
C ILE A 841 -2.07 -25.21 -9.45
N ILE A 842 -2.54 -26.42 -9.75
CA ILE A 842 -1.78 -27.62 -9.38
C ILE A 842 -0.44 -27.63 -10.09
N CYS A 843 -0.42 -27.26 -11.37
CA CYS A 843 0.85 -27.15 -12.08
C CYS A 843 1.77 -26.15 -11.41
N LEU A 844 1.22 -25.00 -11.02
CA LEU A 844 2.01 -23.98 -10.32
C LEU A 844 2.57 -24.52 -9.01
N ALA A 845 1.75 -25.24 -8.25
CA ALA A 845 2.22 -25.81 -6.98
C ALA A 845 3.33 -26.82 -7.21
N VAL A 846 3.19 -27.67 -8.23
CA VAL A 846 4.23 -28.64 -8.54
C VAL A 846 5.52 -27.92 -8.91
N LEU A 847 5.43 -26.87 -9.74
CA LEU A 847 6.62 -26.14 -10.13
C LEU A 847 7.28 -25.48 -8.93
N TRP A 848 6.48 -24.90 -8.02
CA TRP A 848 7.03 -24.28 -6.82
C TRP A 848 7.74 -25.30 -5.95
N VAL A 849 7.12 -26.47 -5.76
CA VAL A 849 7.76 -27.50 -4.95
C VAL A 849 9.07 -27.95 -5.59
N VAL A 850 9.07 -28.18 -6.90
CA VAL A 850 10.29 -28.60 -7.58
C VAL A 850 11.37 -27.54 -7.43
N LYS A 851 11.00 -26.27 -7.56
CA LYS A 851 11.97 -25.18 -7.39
C LYS A 851 12.47 -25.11 -5.96
N SER A 852 11.69 -25.58 -4.99
CA SER A 852 12.08 -25.52 -3.59
C SER A 852 12.91 -26.72 -3.13
N THR A 853 13.10 -27.72 -3.98
CA THR A 853 13.80 -28.94 -3.62
C THR A 853 15.21 -28.94 -4.20
N PRO A 854 16.06 -29.88 -3.76
CA PRO A 854 17.39 -30.00 -4.38
C PRO A 854 17.35 -30.38 -5.86
N ALA A 855 16.18 -30.69 -6.40
CA ALA A 855 16.00 -30.92 -7.83
C ALA A 855 15.55 -29.67 -8.57
N SER A 856 15.96 -28.50 -8.11
CA SER A 856 15.48 -27.25 -8.70
C SER A 856 15.89 -27.12 -10.16
N LEU A 857 16.98 -27.78 -10.57
CA LEU A 857 17.44 -27.68 -11.95
C LEU A 857 16.56 -28.43 -12.93
N ALA A 858 15.64 -29.25 -12.45
CA ALA A 858 14.69 -29.95 -13.31
C ALA A 858 13.50 -29.08 -13.68
N LEU A 859 13.44 -27.85 -13.18
CA LEU A 859 12.29 -26.98 -13.46
C LEU A 859 12.00 -26.79 -14.94
N PRO A 860 12.98 -26.53 -15.82
CA PRO A 860 12.63 -26.34 -17.23
C PRO A 860 11.92 -27.54 -17.83
N PHE A 861 12.31 -28.76 -17.45
CA PHE A 861 11.65 -29.94 -17.99
C PHE A 861 10.24 -30.10 -17.41
N VAL A 862 10.07 -29.79 -16.12
CA VAL A 862 8.74 -29.86 -15.52
C VAL A 862 7.81 -28.85 -16.18
N LEU A 863 8.35 -27.70 -16.55
CA LEU A 863 7.54 -26.71 -17.27
C LEU A 863 7.25 -27.17 -18.70
N ILE A 864 8.23 -27.80 -19.34
CA ILE A 864 8.01 -28.34 -20.68
C ILE A 864 6.90 -29.37 -20.65
N LEU A 865 6.73 -30.06 -19.51
CA LEU A 865 5.67 -31.05 -19.38
C LEU A 865 4.27 -30.45 -19.44
N THR A 866 4.14 -29.13 -19.33
CA THR A 866 2.82 -28.52 -19.49
C THR A 866 2.36 -28.48 -20.93
N VAL A 867 3.28 -28.66 -21.88
CA VAL A 867 2.95 -28.70 -23.30
C VAL A 867 2.24 -30.01 -23.61
N PRO A 868 2.81 -31.18 -23.26
CA PRO A 868 2.05 -32.42 -23.42
C PRO A 868 0.79 -32.44 -22.57
N LEU A 869 0.79 -31.80 -21.40
CA LEU A 869 -0.41 -31.77 -20.58
C LEU A 869 -1.54 -31.04 -21.31
N ARG A 870 -1.22 -29.90 -21.93
CA ARG A 870 -2.23 -29.17 -22.69
C ARG A 870 -2.65 -29.93 -23.93
N ARG A 871 -1.69 -30.45 -24.69
CA ARG A 871 -1.97 -31.00 -26.00
C ARG A 871 -2.44 -32.45 -25.98
N VAL A 872 -2.33 -33.14 -24.84
CA VAL A 872 -2.68 -34.56 -24.78
C VAL A 872 -3.70 -34.79 -23.67
N LEU A 873 -3.35 -34.41 -22.44
CA LEU A 873 -4.19 -34.72 -21.30
C LEU A 873 -5.45 -33.85 -21.26
N LEU A 874 -5.30 -32.55 -21.49
CA LEU A 874 -6.44 -31.64 -21.35
C LEU A 874 -7.56 -31.95 -22.33
N PRO A 875 -7.31 -32.31 -23.59
CA PRO A 875 -8.42 -32.69 -24.47
C PRO A 875 -9.24 -33.85 -23.93
N LEU A 876 -8.65 -34.73 -23.14
CA LEU A 876 -9.42 -35.82 -22.55
C LEU A 876 -10.41 -35.32 -21.50
N ILE A 877 -10.19 -34.12 -20.95
CA ILE A 877 -11.06 -33.55 -19.93
C ILE A 877 -12.04 -32.58 -20.57
N PHE A 878 -11.51 -31.55 -21.21
CA PHE A 878 -12.29 -30.45 -21.76
C PHE A 878 -12.57 -30.67 -23.25
N ARG A 879 -13.57 -29.96 -23.74
CA ARG A 879 -13.95 -30.02 -25.14
C ARG A 879 -13.20 -28.96 -25.93
N ASN A 880 -13.26 -29.08 -27.26
CA ASN A 880 -12.47 -28.21 -28.12
C ASN A 880 -12.86 -26.75 -27.94
N VAL A 881 -14.16 -26.46 -27.87
CA VAL A 881 -14.61 -25.09 -27.72
C VAL A 881 -14.11 -24.51 -26.40
N GLU A 882 -14.21 -25.28 -25.32
CA GLU A 882 -13.73 -24.80 -24.03
C GLU A 882 -12.23 -24.57 -24.05
N LEU A 883 -11.49 -25.45 -24.73
CA LEU A 883 -10.03 -25.30 -24.78
C LEU A 883 -9.62 -24.10 -25.61
N GLN A 884 -10.36 -23.80 -26.68
CA GLN A 884 -10.05 -22.61 -27.47
C GLN A 884 -10.44 -21.33 -26.73
N CYS A 885 -11.51 -21.38 -25.94
CA CYS A 885 -11.88 -20.20 -25.15
C CYS A 885 -10.90 -19.97 -24.01
N LEU A 886 -10.50 -21.03 -23.31
CA LEU A 886 -9.63 -20.92 -22.15
C LEU A 886 -8.16 -20.82 -22.51
N ASP A 887 -7.79 -21.14 -23.74
CA ASP A 887 -6.39 -21.12 -24.19
C ASP A 887 -6.28 -20.46 -25.55
N ALA A 888 -6.92 -19.30 -25.71
CA ALA A 888 -6.91 -18.61 -26.99
C ALA A 888 -5.54 -17.99 -27.27
N ASP A 889 -5.16 -17.98 -28.54
CA ASP A 889 -3.88 -17.38 -28.92
C ASP A 889 -3.88 -15.89 -28.67
N ASP A 890 -5.02 -15.23 -28.89
CA ASP A 890 -5.15 -13.80 -28.67
C ASP A 890 -6.42 -13.53 -27.87
N ALA A 891 -6.45 -12.36 -27.24
CA ALA A 891 -7.60 -11.96 -26.44
C ALA A 891 -8.51 -11.01 -27.22
N VAL B 405 -33.09 -9.22 15.62
CA VAL B 405 -32.97 -8.18 16.63
C VAL B 405 -31.57 -8.18 17.22
N LEU B 406 -31.05 -9.38 17.50
CA LEU B 406 -29.73 -9.49 18.11
C LEU B 406 -28.63 -9.03 17.17
N ALA B 407 -28.74 -9.36 15.88
CA ALA B 407 -27.69 -8.96 14.93
C ALA B 407 -27.61 -7.44 14.83
N ALA B 408 -28.77 -6.78 14.70
CA ALA B 408 -28.78 -5.33 14.65
C ALA B 408 -28.26 -4.73 15.95
N VAL B 409 -28.59 -5.35 17.08
CA VAL B 409 -28.10 -4.86 18.37
C VAL B 409 -26.59 -4.94 18.43
N ILE B 410 -26.01 -6.05 17.94
CA ILE B 410 -24.56 -6.19 17.95
C ILE B 410 -23.92 -5.16 17.04
N PHE B 411 -24.49 -4.96 15.85
CA PHE B 411 -23.94 -3.98 14.93
C PHE B 411 -23.97 -2.59 15.53
N ILE B 412 -25.10 -2.22 16.13
CA ILE B 412 -25.23 -0.90 16.76
C ILE B 412 -24.29 -0.77 17.94
N TYR B 413 -24.13 -1.84 18.71
CA TYR B 413 -23.23 -1.81 19.87
C TYR B 413 -21.80 -1.56 19.43
N PHE B 414 -21.35 -2.22 18.37
CA PHE B 414 -19.99 -2.00 17.91
C PHE B 414 -19.83 -0.61 17.30
N ALA B 415 -20.85 -0.14 16.57
CA ALA B 415 -20.80 1.19 16.01
C ALA B 415 -20.74 2.26 17.09
N ALA B 416 -21.37 2.00 18.23
CA ALA B 416 -21.29 2.92 19.37
C ALA B 416 -19.97 2.79 20.11
N LEU B 417 -19.46 1.56 20.22
CA LEU B 417 -18.28 1.32 21.04
C LEU B 417 -17.01 1.84 20.38
N SER B 418 -16.86 1.65 19.07
CA SER B 418 -15.63 2.08 18.42
C SER B 418 -15.39 3.57 18.60
N PRO B 419 -16.31 4.46 18.22
CA PRO B 419 -16.09 5.89 18.49
C PRO B 419 -16.00 6.19 19.98
N ALA B 420 -16.74 5.46 20.81
CA ALA B 420 -16.67 5.71 22.25
C ALA B 420 -15.27 5.52 22.78
N ILE B 421 -14.63 4.39 22.44
CA ILE B 421 -13.29 4.12 22.96
C ILE B 421 -12.26 5.02 22.29
N THR B 422 -12.42 5.32 21.01
CA THR B 422 -11.48 6.23 20.36
C THR B 422 -11.51 7.61 21.01
N PHE B 423 -12.71 8.18 21.16
CA PHE B 423 -12.84 9.50 21.77
C PHE B 423 -12.46 9.47 23.24
N GLY B 424 -12.77 8.38 23.94
CA GLY B 424 -12.35 8.27 25.33
C GLY B 424 -10.85 8.25 25.48
N GLY B 425 -10.15 7.53 24.60
CA GLY B 425 -8.71 7.55 24.63
C GLY B 425 -8.15 8.93 24.37
N LEU B 426 -8.66 9.60 23.34
CA LEU B 426 -8.18 10.95 23.04
C LEU B 426 -8.45 11.91 24.19
N LEU B 427 -9.64 11.83 24.78
CA LEU B 427 -10.04 12.75 25.83
C LEU B 427 -9.28 12.48 27.12
N GLY B 428 -9.06 11.21 27.46
CA GLY B 428 -8.27 10.89 28.62
C GLY B 428 -6.82 11.30 28.46
N GLU B 429 -6.28 11.16 27.25
CA GLU B 429 -4.92 11.63 27.01
C GLU B 429 -4.83 13.15 27.15
N LYS B 430 -5.82 13.87 26.63
CA LYS B 430 -5.77 15.33 26.68
C LYS B 430 -5.97 15.85 28.10
N THR B 431 -6.96 15.34 28.81
CA THR B 431 -7.40 15.88 30.08
C THR B 431 -6.69 15.26 31.27
N ARG B 432 -5.71 14.39 31.05
CA ARG B 432 -5.07 13.63 32.12
C ARG B 432 -6.08 12.77 32.86
N ASN B 433 -7.03 12.21 32.12
CA ASN B 433 -8.02 11.27 32.64
C ASN B 433 -8.96 11.89 33.65
N GLN B 434 -9.14 13.22 33.62
CA GLN B 434 -10.25 13.81 34.34
C GLN B 434 -11.58 13.34 33.75
N MET B 435 -11.63 13.20 32.44
CA MET B 435 -12.69 12.48 31.76
C MET B 435 -12.02 11.53 30.77
N GLY B 436 -12.44 10.28 30.77
CA GLY B 436 -11.78 9.28 29.94
C GLY B 436 -12.71 8.22 29.39
N VAL B 437 -12.18 7.02 29.16
CA VAL B 437 -12.97 5.96 28.56
C VAL B 437 -14.10 5.54 29.50
N SER B 438 -13.80 5.40 30.79
CA SER B 438 -14.83 4.93 31.72
C SER B 438 -15.97 5.92 31.84
N GLU B 439 -15.65 7.21 32.01
CA GLU B 439 -16.68 8.21 32.14
C GLU B 439 -17.51 8.33 30.86
N LEU B 440 -16.84 8.27 29.71
CA LEU B 440 -17.57 8.33 28.44
C LEU B 440 -18.48 7.13 28.27
N LEU B 441 -18.00 5.94 28.60
CA LEU B 441 -18.83 4.74 28.47
C LEU B 441 -20.02 4.79 29.41
N ILE B 442 -19.81 5.21 30.66
CA ILE B 442 -20.90 5.23 31.63
C ILE B 442 -21.91 6.31 31.27
N SER B 443 -21.44 7.47 30.81
CA SER B 443 -22.35 8.51 30.37
C SER B 443 -23.16 8.07 29.16
N THR B 444 -22.50 7.44 28.19
CA THR B 444 -23.21 6.93 27.02
C THR B 444 -24.26 5.92 27.44
N ALA B 445 -23.91 5.00 28.33
CA ALA B 445 -24.87 3.98 28.78
C ALA B 445 -26.06 4.61 29.48
N VAL B 446 -25.81 5.46 30.47
CA VAL B 446 -26.90 6.01 31.28
C VAL B 446 -27.79 6.90 30.43
N GLN B 447 -27.19 7.81 29.65
CA GLN B 447 -27.97 8.70 28.83
C GLN B 447 -28.71 7.94 27.73
N GLY B 448 -28.12 6.86 27.20
CA GLY B 448 -28.82 6.06 26.21
C GLY B 448 -30.01 5.32 26.80
N ILE B 449 -29.87 4.82 28.03
CA ILE B 449 -31.00 4.19 28.69
C ILE B 449 -32.12 5.21 28.90
N LEU B 450 -31.75 6.40 29.37
CA LEU B 450 -32.76 7.43 29.58
C LEU B 450 -33.44 7.82 28.27
N PHE B 451 -32.67 7.94 27.19
CA PHE B 451 -33.24 8.32 25.90
C PHE B 451 -34.08 7.21 25.30
N ALA B 452 -33.74 5.94 25.59
CA ALA B 452 -34.56 4.84 25.11
C ALA B 452 -35.86 4.73 25.90
N LEU B 453 -35.85 5.16 27.15
CA LEU B 453 -37.06 5.11 27.96
C LEU B 453 -37.95 6.34 27.77
N LEU B 454 -37.38 7.49 27.42
CA LEU B 454 -38.13 8.74 27.38
C LEU B 454 -38.10 9.43 26.02
N GLY B 455 -37.00 9.35 25.29
CA GLY B 455 -36.87 10.06 24.03
C GLY B 455 -37.99 9.79 23.05
N ALA B 456 -38.54 10.85 22.45
CA ALA B 456 -39.65 10.68 21.51
C ALA B 456 -39.24 9.87 20.30
N GLN B 457 -38.04 10.12 19.76
CA GLN B 457 -37.53 9.38 18.62
C GLN B 457 -36.51 8.35 19.11
N PRO B 458 -36.94 7.13 19.43
CA PRO B 458 -35.97 6.14 19.94
C PRO B 458 -34.91 5.74 18.93
N LEU B 459 -35.11 6.02 17.65
CA LEU B 459 -34.12 5.65 16.63
C LEU B 459 -32.87 6.52 16.68
N LEU B 460 -32.88 7.59 17.46
CA LEU B 460 -31.72 8.48 17.54
C LEU B 460 -30.62 7.87 18.38
N VAL B 461 -29.38 8.11 17.97
CA VAL B 461 -28.19 7.58 18.64
C VAL B 461 -27.48 8.74 19.32
N VAL B 462 -27.40 8.70 20.64
CA VAL B 462 -26.80 9.77 21.43
C VAL B 462 -25.45 9.30 21.93
N GLY B 463 -24.42 10.09 21.68
CA GLY B 463 -23.07 9.73 22.07
C GLY B 463 -22.11 10.85 21.75
N PHE B 464 -20.86 10.64 22.13
CA PHE B 464 -19.82 11.63 21.87
C PHE B 464 -19.56 11.77 20.38
N SER B 465 -19.21 12.98 19.97
CA SER B 465 -18.91 13.28 18.59
C SER B 465 -17.62 14.08 18.53
N GLY B 466 -17.12 14.30 17.30
CA GLY B 466 -15.95 15.11 17.09
C GLY B 466 -16.08 16.55 17.53
N PRO B 467 -17.20 17.22 17.24
CA PRO B 467 -17.38 18.57 17.78
C PRO B 467 -17.32 18.63 19.30
N LEU B 468 -17.90 17.65 19.98
CA LEU B 468 -17.85 17.62 21.44
C LEU B 468 -16.43 17.43 21.93
N LEU B 469 -15.65 16.58 21.25
CA LEU B 469 -14.25 16.41 21.61
C LEU B 469 -13.47 17.70 21.42
N VAL B 470 -13.74 18.41 20.32
CA VAL B 470 -13.06 19.67 20.06
C VAL B 470 -13.39 20.68 21.15
N PHE B 471 -14.67 20.77 21.53
CA PHE B 471 -15.04 21.71 22.59
C PHE B 471 -14.43 21.32 23.92
N GLU B 472 -14.39 20.02 24.24
CA GLU B 472 -13.80 19.60 25.49
C GLU B 472 -12.33 19.95 25.55
N GLU B 473 -11.60 19.71 24.46
CA GLU B 473 -10.20 20.08 24.42
C GLU B 473 -10.02 21.58 24.56
N ALA B 474 -10.87 22.37 23.89
CA ALA B 474 -10.76 23.82 23.99
C ALA B 474 -11.05 24.32 25.40
N PHE B 475 -12.05 23.74 26.06
CA PHE B 475 -12.39 24.17 27.41
C PHE B 475 -11.32 23.75 28.41
N PHE B 476 -10.74 22.56 28.22
CA PHE B 476 -9.62 22.15 29.05
C PHE B 476 -8.44 23.08 28.87
N SER B 477 -8.15 23.47 27.63
CA SER B 477 -7.05 24.40 27.38
C SER B 477 -7.32 25.75 28.02
N PHE B 478 -8.56 26.23 27.92
CA PHE B 478 -8.91 27.51 28.55
C PHE B 478 -8.77 27.44 30.06
N CYS B 479 -9.23 26.34 30.67
CA CYS B 479 -9.11 26.19 32.11
C CYS B 479 -7.66 26.10 32.53
N GLU B 480 -6.83 25.40 31.74
CA GLU B 480 -5.40 25.36 32.03
C GLU B 480 -4.79 26.75 31.95
N THR B 481 -5.20 27.54 30.95
CA THR B 481 -4.66 28.88 30.79
C THR B 481 -5.04 29.76 31.98
N ASN B 482 -6.27 29.65 32.47
CA ASN B 482 -6.76 30.51 33.52
C ASN B 482 -6.67 29.88 34.91
N GLY B 483 -6.01 28.73 35.03
CA GLY B 483 -5.84 28.11 36.34
C GLY B 483 -7.13 27.70 36.99
N LEU B 484 -8.13 27.33 36.20
CA LEU B 484 -9.42 26.87 36.71
C LEU B 484 -9.45 25.34 36.76
N GLU B 485 -10.35 24.82 37.57
CA GLU B 485 -10.59 23.39 37.61
C GLU B 485 -11.57 23.02 36.50
N TYR B 486 -11.10 22.21 35.55
CA TYR B 486 -11.88 21.91 34.36
C TYR B 486 -13.15 21.14 34.70
N ILE B 487 -13.05 20.18 35.62
CA ILE B 487 -14.20 19.33 35.94
C ILE B 487 -15.26 20.08 36.74
N VAL B 488 -14.92 21.23 37.34
CA VAL B 488 -15.91 22.06 38.03
C VAL B 488 -16.52 23.10 37.10
N GLY B 489 -15.69 23.66 36.22
CA GLY B 489 -16.23 24.52 35.18
C GLY B 489 -17.23 23.78 34.32
N ARG B 490 -16.98 22.50 34.06
CA ARG B 490 -17.96 21.68 33.36
C ARG B 490 -19.26 21.59 34.15
N VAL B 491 -19.16 21.46 35.48
CA VAL B 491 -20.37 21.37 36.31
C VAL B 491 -21.20 22.64 36.16
N TRP B 492 -20.54 23.79 36.17
CA TRP B 492 -21.30 25.05 36.06
C TRP B 492 -21.83 25.26 34.65
N ILE B 493 -21.10 24.82 33.62
CA ILE B 493 -21.64 24.80 32.27
C ILE B 493 -22.90 23.95 32.22
N GLY B 494 -22.90 22.82 32.92
CA GLY B 494 -24.08 21.97 32.96
C GLY B 494 -25.25 22.64 33.67
N PHE B 495 -24.97 23.32 34.78
CA PHE B 495 -26.02 24.10 35.44
C PHE B 495 -26.65 25.08 34.47
N TRP B 496 -25.81 25.78 33.70
CA TRP B 496 -26.33 26.75 32.75
C TRP B 496 -27.08 26.08 31.59
N LEU B 497 -26.63 24.90 31.16
CA LEU B 497 -27.37 24.18 30.14
C LEU B 497 -28.76 23.80 30.63
N ILE B 498 -28.85 23.34 31.87
CA ILE B 498 -30.16 23.02 32.45
C ILE B 498 -31.03 24.27 32.51
N LEU B 499 -30.45 25.39 32.94
CA LEU B 499 -31.21 26.63 33.01
C LEU B 499 -31.71 27.05 31.63
N LEU B 500 -30.87 26.92 30.60
CA LEU B 500 -31.28 27.26 29.24
C LEU B 500 -32.41 26.36 28.77
N VAL B 501 -32.32 25.06 29.06
CA VAL B 501 -33.37 24.14 28.66
C VAL B 501 -34.69 24.51 29.34
N VAL B 502 -34.62 24.86 30.64
CA VAL B 502 -35.84 25.29 31.34
C VAL B 502 -36.36 26.58 30.73
N LEU B 503 -35.47 27.48 30.32
CA LEU B 503 -35.89 28.72 29.69
C LEU B 503 -36.66 28.45 28.40
N VAL B 504 -36.14 27.55 27.56
CA VAL B 504 -36.80 27.25 26.30
C VAL B 504 -38.16 26.62 26.55
N VAL B 505 -38.24 25.69 27.49
CA VAL B 505 -39.50 25.01 27.80
C VAL B 505 -40.35 25.88 28.72
N PHE B 515 -33.00 27.35 9.17
CA PHE B 515 -32.04 28.44 9.13
C PHE B 515 -30.64 27.93 8.79
N ILE B 516 -30.37 26.68 9.12
CA ILE B 516 -29.08 26.06 8.83
C ILE B 516 -29.19 25.33 7.50
N SER B 517 -28.37 25.74 6.53
CA SER B 517 -28.39 25.19 5.18
C SER B 517 -27.17 24.29 4.98
N ARG B 518 -27.10 23.69 3.80
CA ARG B 518 -25.97 22.83 3.47
C ARG B 518 -24.65 23.57 3.59
N TYR B 519 -24.67 24.89 3.40
CA TYR B 519 -23.47 25.70 3.55
C TYR B 519 -22.82 25.49 4.91
N THR B 520 -23.54 25.85 5.97
CA THR B 520 -22.99 25.75 7.31
C THR B 520 -22.72 24.30 7.70
N GLN B 521 -23.64 23.40 7.38
CA GLN B 521 -23.46 21.99 7.75
C GLN B 521 -22.20 21.42 7.13
N GLU B 522 -21.95 21.72 5.86
CA GLU B 522 -20.81 21.14 5.18
C GLU B 522 -19.51 21.81 5.59
N ILE B 523 -19.52 23.13 5.85
CA ILE B 523 -18.34 23.75 6.42
C ILE B 523 -18.00 23.10 7.76
N PHE B 524 -19.01 22.85 8.58
CA PHE B 524 -18.81 22.25 9.89
C PHE B 524 -18.22 20.85 9.78
N SER B 525 -18.84 20.00 8.96
CA SER B 525 -18.36 18.63 8.84
C SER B 525 -16.97 18.57 8.22
N PHE B 526 -16.70 19.42 7.22
CA PHE B 526 -15.37 19.46 6.62
C PHE B 526 -14.33 19.90 7.63
N LEU B 527 -14.67 20.88 8.48
CA LEU B 527 -13.75 21.31 9.51
C LEU B 527 -13.47 20.18 10.49
N ILE B 528 -14.51 19.43 10.88
CA ILE B 528 -14.29 18.33 11.81
C ILE B 528 -13.39 17.27 11.18
N SER B 529 -13.59 16.97 9.90
CA SER B 529 -12.74 16.01 9.21
C SER B 529 -11.29 16.46 9.19
N LEU B 530 -11.08 17.74 8.86
CA LEU B 530 -9.72 18.28 8.86
C LEU B 530 -9.09 18.18 10.23
N ILE B 531 -9.87 18.48 11.28
CA ILE B 531 -9.35 18.39 12.63
C ILE B 531 -8.96 16.96 12.96
N PHE B 532 -9.78 15.99 12.58
CA PHE B 532 -9.44 14.59 12.86
C PHE B 532 -8.14 14.20 12.19
N ILE B 533 -8.00 14.52 10.91
CA ILE B 533 -6.79 14.14 10.19
C ILE B 533 -5.57 14.81 10.80
N TYR B 534 -5.67 16.12 11.03
CA TYR B 534 -4.55 16.88 11.56
C TYR B 534 -4.16 16.39 12.95
N GLU B 535 -5.14 16.08 13.79
CA GLU B 535 -4.85 15.62 15.14
C GLU B 535 -4.20 14.24 15.11
N THR B 536 -4.63 13.36 14.23
CA THR B 536 -3.96 12.07 14.10
C THR B 536 -2.48 12.27 13.79
N PHE B 537 -2.19 13.08 12.78
CA PHE B 537 -0.79 13.27 12.41
C PHE B 537 -0.01 14.01 13.49
N SER B 538 -0.64 14.94 14.20
CA SER B 538 0.02 15.65 15.29
C SER B 538 0.37 14.70 16.43
N LYS B 539 -0.56 13.79 16.78
CA LYS B 539 -0.29 12.81 17.82
C LYS B 539 0.85 11.89 17.42
N LEU B 540 0.89 11.47 16.15
CA LEU B 540 2.02 10.66 15.70
C LEU B 540 3.34 11.42 15.81
N ILE B 541 3.34 12.70 15.43
CA ILE B 541 4.56 13.49 15.53
C ILE B 541 4.99 13.61 16.98
N LYS B 542 4.03 13.79 17.89
CA LYS B 542 4.37 13.86 19.31
C LYS B 542 4.98 12.55 19.80
N ILE B 543 4.44 11.41 19.35
CA ILE B 543 5.03 10.12 19.70
C ILE B 543 6.46 10.05 19.21
N PHE B 544 6.70 10.48 17.97
CA PHE B 544 8.07 10.47 17.44
C PHE B 544 8.98 11.40 18.24
N GLN B 545 8.42 12.47 18.82
CA GLN B 545 9.22 13.38 19.64
C GLN B 545 9.56 12.75 20.98
N ASP B 546 8.64 11.99 21.56
CA ASP B 546 8.89 11.34 22.84
C ASP B 546 9.92 10.24 22.71
N HIS B 547 9.92 9.53 21.57
CA HIS B 547 10.80 8.39 21.35
C HIS B 547 11.49 8.58 20.00
N PRO B 548 12.48 9.46 19.93
CA PRO B 548 13.18 9.68 18.66
C PRO B 548 13.95 8.45 18.20
N LEU B 549 14.18 8.38 16.90
CA LEU B 549 15.08 7.37 16.34
C LEU B 549 16.52 7.78 16.65
N GLN B 550 17.22 6.94 17.39
CA GLN B 550 18.55 7.23 17.88
C GLN B 550 19.46 6.04 17.62
N LYS B 551 20.76 6.32 17.55
CA LYS B 551 21.73 5.23 17.46
C LYS B 551 21.71 4.38 18.73
N THR B 552 21.65 5.02 19.89
CA THR B 552 21.74 4.35 21.17
C THR B 552 20.66 4.85 22.10
N TYR B 553 20.24 3.98 23.02
CA TYR B 553 19.22 4.30 24.02
C TYR B 553 19.71 3.87 25.39
N ASN B 554 19.03 4.37 26.41
CA ASN B 554 19.30 3.98 27.79
C ASN B 554 18.33 2.87 28.18
N TYR B 555 18.88 1.72 28.59
CA TYR B 555 18.06 0.56 28.92
C TYR B 555 17.50 0.61 30.34
N ASN B 556 17.95 1.55 31.16
CA ASN B 556 17.45 1.72 32.53
C ASN B 556 16.25 2.65 32.60
N VAL B 557 15.53 2.82 31.49
CA VAL B 557 14.38 3.72 31.48
C VAL B 557 13.26 3.12 32.32
N LEU B 558 12.72 3.91 33.24
CA LEU B 558 11.63 3.47 34.09
C LEU B 558 10.29 3.76 33.41
N MET B 559 9.27 2.98 33.80
CA MET B 559 7.99 3.00 33.11
C MET B 559 6.83 2.97 34.09
N VAL B 560 7.00 3.50 35.30
CA VAL B 560 5.96 3.34 36.31
C VAL B 560 4.79 4.25 35.95
N PRO B 561 4.96 5.59 35.81
CA PRO B 561 3.86 6.39 35.26
C PRO B 561 3.75 6.22 33.76
N LYS B 562 4.91 6.25 33.10
CA LYS B 562 5.07 6.11 31.67
C LYS B 562 6.57 6.13 31.37
N PRO B 563 7.01 5.73 30.19
CA PRO B 563 8.44 5.76 29.89
C PRO B 563 9.05 7.13 30.17
N GLN B 564 10.12 7.13 30.96
CA GLN B 564 10.78 8.37 31.36
C GLN B 564 11.84 8.81 30.37
N GLY B 565 12.08 8.03 29.31
CA GLY B 565 13.03 8.40 28.29
C GLY B 565 12.69 7.71 26.98
N PRO B 566 13.40 8.07 25.92
CA PRO B 566 13.15 7.44 24.62
C PRO B 566 13.35 5.94 24.66
N LEU B 567 12.52 5.22 23.91
CA LEU B 567 12.59 3.80 23.77
C LEU B 567 12.75 3.41 22.31
N PRO B 568 13.53 2.38 22.00
CA PRO B 568 13.64 1.95 20.60
C PRO B 568 12.34 1.36 20.10
N ASN B 569 12.07 1.58 18.81
CA ASN B 569 11.01 0.94 18.05
C ASN B 569 9.62 1.44 18.43
N THR B 570 9.49 2.30 19.43
CA THR B 570 8.17 2.72 19.88
C THR B 570 7.49 3.60 18.84
N ALA B 571 8.23 4.60 18.32
CA ALA B 571 7.64 5.54 17.38
C ALA B 571 7.36 4.87 16.04
N LEU B 572 8.32 4.09 15.53
CA LEU B 572 8.11 3.40 14.27
C LEU B 572 7.00 2.38 14.37
N LEU B 573 6.94 1.65 15.50
CA LEU B 573 5.87 0.67 15.66
C LEU B 573 4.51 1.34 15.81
N SER B 574 4.47 2.50 16.48
CA SER B 574 3.22 3.25 16.54
C SER B 574 2.78 3.71 15.15
N LEU B 575 3.72 4.19 14.35
CA LEU B 575 3.39 4.57 12.98
C LEU B 575 2.88 3.38 12.19
N VAL B 576 3.52 2.22 12.35
CA VAL B 576 3.10 1.02 11.62
C VAL B 576 1.70 0.59 12.08
N LEU B 577 1.44 0.63 13.38
CA LEU B 577 0.13 0.24 13.88
C LEU B 577 -0.96 1.18 13.38
N MET B 578 -0.70 2.48 13.42
CA MET B 578 -1.66 3.45 12.91
C MET B 578 -1.93 3.22 11.43
N ALA B 579 -0.87 3.08 10.63
CA ALA B 579 -1.03 2.89 9.20
C ALA B 579 -1.75 1.58 8.90
N GLY B 580 -1.43 0.51 9.64
CA GLY B 580 -2.09 -0.76 9.40
C GLY B 580 -3.56 -0.73 9.76
N THR B 581 -3.92 -0.10 10.88
CA THR B 581 -5.33 0.02 11.23
C THR B 581 -6.09 0.81 10.18
N PHE B 582 -5.53 1.95 9.75
CA PHE B 582 -6.19 2.75 8.73
C PHE B 582 -6.33 1.97 7.43
N PHE B 583 -5.26 1.28 7.02
CA PHE B 583 -5.29 0.54 5.77
C PHE B 583 -6.29 -0.58 5.81
N PHE B 584 -6.36 -1.31 6.93
CA PHE B 584 -7.31 -2.41 7.02
C PHE B 584 -8.75 -1.91 7.06
N ALA B 585 -9.00 -0.81 7.77
CA ALA B 585 -10.35 -0.25 7.76
C ALA B 585 -10.74 0.20 6.36
N MET B 586 -9.83 0.86 5.64
CA MET B 586 -10.12 1.30 4.29
C MET B 586 -10.33 0.11 3.35
N MET B 587 -9.51 -0.93 3.48
CA MET B 587 -9.64 -2.09 2.62
C MET B 587 -10.95 -2.82 2.87
N LEU B 588 -11.36 -2.93 4.13
CA LEU B 588 -12.64 -3.57 4.41
C LEU B 588 -13.80 -2.70 3.97
N ARG B 589 -13.66 -1.37 4.04
CA ARG B 589 -14.67 -0.49 3.47
C ARG B 589 -14.82 -0.71 1.98
N LYS B 590 -13.70 -0.84 1.27
CA LYS B 590 -13.75 -1.15 -0.16
C LYS B 590 -14.36 -2.53 -0.41
N PHE B 591 -13.96 -3.52 0.38
CA PHE B 591 -14.47 -4.87 0.22
C PHE B 591 -15.97 -4.94 0.45
N LYS B 592 -16.50 -4.06 1.30
CA LYS B 592 -17.94 -4.03 1.53
C LYS B 592 -18.71 -3.86 0.23
N ASN B 593 -18.21 -3.03 -0.69
CA ASN B 593 -18.89 -2.71 -1.93
C ASN B 593 -18.24 -3.38 -3.14
N SER B 594 -17.39 -4.37 -2.93
CA SER B 594 -16.71 -5.04 -4.02
C SER B 594 -17.57 -6.19 -4.54
N SER B 595 -17.01 -6.96 -5.47
CA SER B 595 -17.70 -8.07 -6.10
C SER B 595 -17.25 -9.42 -5.56
N TYR B 596 -16.45 -9.43 -4.49
CA TYR B 596 -15.85 -10.66 -4.01
C TYR B 596 -16.67 -11.29 -2.90
N PHE B 597 -16.66 -12.62 -2.86
CA PHE B 597 -17.32 -13.42 -1.83
C PHE B 597 -18.83 -13.25 -1.92
N PRO B 598 -19.60 -14.11 -1.26
CA PRO B 598 -21.06 -13.94 -1.29
C PRO B 598 -21.46 -12.59 -0.74
N GLY B 599 -22.56 -12.05 -1.28
CA GLY B 599 -22.97 -10.71 -0.89
C GLY B 599 -23.22 -10.56 0.59
N LYS B 600 -23.91 -11.52 1.19
CA LYS B 600 -24.24 -11.43 2.62
C LYS B 600 -22.97 -11.40 3.46
N LEU B 601 -22.06 -12.34 3.23
CA LEU B 601 -20.82 -12.39 4.00
C LEU B 601 -19.99 -11.14 3.78
N ARG B 602 -19.92 -10.67 2.53
CA ARG B 602 -19.16 -9.48 2.21
C ARG B 602 -19.70 -8.27 2.96
N ARG B 603 -21.02 -8.11 2.97
CA ARG B 603 -21.63 -6.97 3.63
C ARG B 603 -21.51 -7.06 5.14
N VAL B 604 -21.58 -8.27 5.70
CA VAL B 604 -21.40 -8.45 7.14
C VAL B 604 -19.97 -8.10 7.53
N ILE B 605 -18.99 -8.58 6.75
CA ILE B 605 -17.59 -8.29 7.06
C ILE B 605 -17.32 -6.79 6.96
N GLY B 606 -17.86 -6.14 5.93
CA GLY B 606 -17.63 -4.72 5.78
C GLY B 606 -18.39 -3.88 6.78
N ASP B 607 -19.49 -4.41 7.32
CA ASP B 607 -20.22 -3.71 8.37
C ASP B 607 -19.36 -3.59 9.62
N PHE B 608 -18.66 -4.66 9.99
CA PHE B 608 -17.78 -4.69 11.15
C PHE B 608 -16.33 -4.44 10.78
N GLY B 609 -16.10 -3.61 9.75
CA GLY B 609 -14.75 -3.40 9.28
C GLY B 609 -13.85 -2.74 10.31
N VAL B 610 -14.36 -1.72 11.00
CA VAL B 610 -13.57 -0.99 11.98
C VAL B 610 -13.23 -1.89 13.17
N PRO B 611 -14.21 -2.59 13.77
CA PRO B 611 -13.86 -3.56 14.82
C PRO B 611 -12.87 -4.61 14.36
N ILE B 612 -13.01 -5.10 13.12
CA ILE B 612 -12.12 -6.15 12.63
C ILE B 612 -10.69 -5.60 12.49
N SER B 613 -10.55 -4.39 11.95
CA SER B 613 -9.24 -3.78 11.82
C SER B 613 -8.62 -3.54 13.20
N ILE B 614 -9.43 -3.08 14.16
CA ILE B 614 -8.94 -2.89 15.51
C ILE B 614 -8.43 -4.21 16.08
N LEU B 615 -9.21 -5.28 15.91
CA LEU B 615 -8.80 -6.58 16.42
C LEU B 615 -7.50 -7.05 15.77
N ILE B 616 -7.38 -6.88 14.45
CA ILE B 616 -6.18 -7.34 13.75
C ILE B 616 -4.95 -6.63 14.27
N MET B 617 -5.02 -5.30 14.37
CA MET B 617 -3.83 -4.55 14.79
C MET B 617 -3.56 -4.74 16.28
N VAL B 618 -4.60 -4.94 17.09
CA VAL B 618 -4.39 -5.21 18.49
C VAL B 618 -3.69 -6.55 18.67
N LEU B 619 -4.08 -7.56 17.89
CA LEU B 619 -3.37 -8.84 17.93
C LEU B 619 -1.93 -8.69 17.47
N VAL B 620 -1.72 -7.92 16.39
CA VAL B 620 -0.36 -7.69 15.91
C VAL B 620 0.51 -7.11 17.01
N ASP B 621 -0.01 -6.08 17.70
CA ASP B 621 0.75 -5.48 18.79
C ASP B 621 0.90 -6.43 19.98
N PHE B 622 -0.11 -7.27 20.22
CA PHE B 622 -0.08 -8.16 21.35
C PHE B 622 0.96 -9.25 21.20
N PHE B 623 1.21 -9.71 19.98
CA PHE B 623 2.24 -10.71 19.73
C PHE B 623 3.63 -10.11 19.57
N ILE B 624 3.74 -8.79 19.55
CA ILE B 624 5.02 -8.10 19.68
C ILE B 624 5.10 -7.66 21.15
N GLN B 625 5.90 -8.38 21.94
CA GLN B 625 5.90 -8.16 23.39
C GLN B 625 7.04 -7.26 23.86
N ASP B 626 8.16 -7.23 23.13
CA ASP B 626 9.33 -6.52 23.63
C ASP B 626 9.21 -5.00 23.47
N THR B 627 8.53 -4.55 22.42
CA THR B 627 8.41 -3.12 22.18
C THR B 627 7.25 -2.53 22.97
N TYR B 628 7.41 -1.27 23.38
CA TYR B 628 6.40 -0.57 24.15
C TYR B 628 5.54 0.29 23.24
N THR B 629 4.24 0.24 23.45
CA THR B 629 3.30 1.19 22.87
C THR B 629 2.31 1.59 23.96
N GLN B 630 1.98 2.88 24.01
CA GLN B 630 1.02 3.36 25.01
C GLN B 630 -0.34 2.74 24.75
N LYS B 631 -1.01 2.37 25.83
CA LYS B 631 -2.29 1.66 25.78
C LYS B 631 -3.41 2.54 26.31
N LEU B 632 -4.63 2.05 26.15
CA LEU B 632 -5.79 2.73 26.73
C LEU B 632 -5.71 2.70 28.25
N SER B 633 -6.03 3.84 28.86
CA SER B 633 -6.10 3.93 30.32
C SER B 633 -7.54 3.62 30.74
N VAL B 634 -7.73 2.46 31.34
CA VAL B 634 -9.06 2.02 31.75
C VAL B 634 -9.00 1.54 33.20
N PRO B 635 -9.84 2.06 34.08
CA PRO B 635 -9.82 1.58 35.47
C PRO B 635 -10.48 0.20 35.59
N ASP B 636 -10.39 -0.35 36.79
CA ASP B 636 -11.00 -1.64 37.09
C ASP B 636 -12.38 -1.41 37.72
N GLY B 637 -13.43 -1.71 36.96
CA GLY B 637 -14.77 -1.55 37.47
C GLY B 637 -15.40 -0.22 37.08
N PHE B 638 -16.52 0.07 37.75
CA PHE B 638 -17.27 1.30 37.52
C PHE B 638 -16.63 2.42 38.35
N LYS B 639 -15.43 2.81 37.92
CA LYS B 639 -14.61 3.78 38.63
C LYS B 639 -14.20 4.89 37.67
N VAL B 640 -13.77 6.01 38.25
CA VAL B 640 -13.30 7.13 37.44
C VAL B 640 -11.92 6.82 36.89
N SER B 641 -11.59 7.44 35.75
CA SER B 641 -10.32 7.15 35.08
C SER B 641 -9.12 7.56 35.93
N ASN B 642 -9.30 8.53 36.82
CA ASN B 642 -8.20 9.04 37.65
C ASN B 642 -8.76 9.35 39.03
N SER B 643 -8.64 8.37 39.94
CA SER B 643 -9.17 8.54 41.29
C SER B 643 -8.44 9.64 42.05
N SER B 644 -7.14 9.78 41.83
CA SER B 644 -6.38 10.80 42.55
C SER B 644 -6.90 12.20 42.21
N ALA B 645 -7.32 12.40 40.96
CA ALA B 645 -7.76 13.72 40.53
C ALA B 645 -9.16 14.06 41.02
N ARG B 646 -10.06 13.09 41.04
CA ARG B 646 -11.47 13.39 41.28
C ARG B 646 -12.22 12.14 41.70
N GLY B 647 -13.43 12.36 42.19
CA GLY B 647 -14.40 11.30 42.40
C GLY B 647 -15.58 11.43 41.47
N TRP B 648 -16.62 10.64 41.75
CA TRP B 648 -17.78 10.65 40.87
C TRP B 648 -18.55 11.96 40.97
N VAL B 649 -18.83 12.41 42.19
CA VAL B 649 -19.58 13.64 42.41
C VAL B 649 -18.61 14.81 42.45
N ILE B 650 -18.88 15.83 41.67
CA ILE B 650 -18.06 17.04 41.61
C ILE B 650 -18.77 18.12 42.41
N HIS B 651 -18.13 18.58 43.47
CA HIS B 651 -18.70 19.67 44.27
C HIS B 651 -18.53 20.99 43.52
N PRO B 652 -19.61 21.75 43.30
CA PRO B 652 -19.49 22.93 42.44
C PRO B 652 -18.48 23.96 42.93
N LEU B 653 -18.26 24.07 44.24
CA LEU B 653 -17.41 25.12 44.77
C LEU B 653 -15.92 24.80 44.65
N GLY B 654 -15.56 23.67 44.07
CA GLY B 654 -14.16 23.32 43.88
C GLY B 654 -13.76 22.05 44.59
N LEU B 655 -12.75 21.36 44.07
CA LEU B 655 -12.23 20.13 44.66
C LEU B 655 -10.92 20.36 45.39
N ARG B 656 -9.98 21.08 44.78
CA ARG B 656 -8.72 21.45 45.40
C ARG B 656 -8.62 22.94 45.69
N SER B 657 -9.22 23.78 44.86
CA SER B 657 -9.23 25.22 45.04
C SER B 657 -10.64 25.73 44.84
N GLU B 658 -10.94 26.87 45.47
CA GLU B 658 -12.26 27.46 45.35
C GLU B 658 -12.52 27.85 43.90
N PHE B 659 -13.76 27.62 43.45
CA PHE B 659 -14.15 28.00 42.10
C PHE B 659 -14.58 29.46 42.08
N PRO B 660 -14.01 30.29 41.20
CA PRO B 660 -14.38 31.71 41.17
C PRO B 660 -15.85 31.92 40.86
N ILE B 661 -16.42 32.96 41.49
CA ILE B 661 -17.81 33.33 41.21
C ILE B 661 -17.93 33.94 39.81
N TRP B 662 -16.95 34.75 39.41
CA TRP B 662 -16.99 35.33 38.07
C TRP B 662 -17.09 34.24 37.02
N MET B 663 -16.43 33.11 37.24
CA MET B 663 -16.60 31.98 36.33
C MET B 663 -17.94 31.31 36.53
N MET B 664 -18.46 31.32 37.77
CA MET B 664 -19.79 30.79 38.00
C MET B 664 -20.82 31.51 37.14
N PHE B 665 -20.55 32.77 36.79
CA PHE B 665 -21.44 33.53 35.92
C PHE B 665 -21.01 33.51 34.45
N ALA B 666 -19.72 33.41 34.17
CA ALA B 666 -19.26 33.33 32.79
C ALA B 666 -19.41 31.93 32.19
N SER B 667 -19.83 30.95 32.99
CA SER B 667 -20.12 29.63 32.47
C SER B 667 -21.34 29.62 31.56
N ALA B 668 -22.11 30.71 31.52
CA ALA B 668 -23.24 30.79 30.60
C ALA B 668 -22.78 30.89 29.14
N LEU B 669 -21.61 31.47 28.89
CA LEU B 669 -21.14 31.57 27.51
C LEU B 669 -20.69 30.22 26.96
N PRO B 670 -19.82 29.46 27.64
CA PRO B 670 -19.53 28.10 27.16
C PRO B 670 -20.77 27.23 27.09
N ALA B 671 -21.73 27.43 27.99
CA ALA B 671 -22.98 26.68 27.90
C ALA B 671 -23.70 26.99 26.61
N LEU B 672 -23.73 28.27 26.21
CA LEU B 672 -24.37 28.66 24.96
C LEU B 672 -23.64 28.06 23.77
N LEU B 673 -22.30 28.04 23.81
CA LEU B 673 -21.53 27.43 22.73
C LEU B 673 -21.81 25.93 22.63
N VAL B 674 -21.88 25.24 23.77
CA VAL B 674 -22.18 23.81 23.77
C VAL B 674 -23.58 23.56 23.22
N PHE B 675 -24.53 24.41 23.62
CA PHE B 675 -25.88 24.29 23.08
C PHE B 675 -25.88 24.47 21.58
N ILE B 676 -25.12 25.45 21.07
CA ILE B 676 -25.04 25.65 19.64
C ILE B 676 -24.48 24.40 18.96
N LEU B 677 -23.43 23.82 19.52
CA LEU B 677 -22.83 22.64 18.91
C LEU B 677 -23.80 21.47 18.88
N ILE B 678 -24.51 21.23 19.99
CA ILE B 678 -25.44 20.10 20.02
C ILE B 678 -26.61 20.33 19.07
N PHE B 679 -27.12 21.56 19.02
CA PHE B 679 -28.19 21.88 18.08
C PHE B 679 -27.72 21.72 16.64
N LEU B 680 -26.48 22.13 16.34
CA LEU B 680 -25.95 21.98 15.00
C LEU B 680 -25.82 20.53 14.61
N GLU B 681 -25.34 19.69 15.53
CA GLU B 681 -25.25 18.27 15.24
C GLU B 681 -26.63 17.66 15.02
N SER B 682 -27.61 18.09 15.81
CA SER B 682 -28.98 17.62 15.60
C SER B 682 -29.49 18.03 14.22
N GLN B 683 -29.22 19.27 13.81
CA GLN B 683 -29.63 19.71 12.48
C GLN B 683 -28.96 18.89 11.39
N ILE B 684 -27.66 18.65 11.52
CA ILE B 684 -26.94 17.91 10.50
C ILE B 684 -27.48 16.49 10.39
N THR B 685 -27.73 15.85 11.54
CA THR B 685 -28.08 14.44 11.56
C THR B 685 -29.60 14.23 11.70
N THR B 686 -30.19 14.70 12.79
CA THR B 686 -31.61 14.46 13.03
C THR B 686 -32.47 15.05 11.93
N LEU B 687 -32.25 16.33 11.62
CA LEU B 687 -33.06 16.99 10.60
C LEU B 687 -32.83 16.37 9.22
N ILE B 688 -31.57 16.08 8.89
CA ILE B 688 -31.24 15.52 7.59
C ILE B 688 -31.39 14.00 7.63
N PHE B 702 -38.42 15.97 17.97
CA PHE B 702 -37.27 16.63 17.38
C PHE B 702 -36.67 17.63 18.36
N HIS B 703 -37.37 18.75 18.56
CA HIS B 703 -36.89 19.76 19.50
C HIS B 703 -36.91 19.23 20.93
N LEU B 704 -37.92 18.45 21.28
CA LEU B 704 -37.99 17.90 22.63
C LEU B 704 -36.88 16.89 22.88
N ASP B 705 -36.50 16.12 21.85
CA ASP B 705 -35.35 15.23 21.99
C ASP B 705 -34.07 16.02 22.24
N LEU B 706 -33.89 17.13 21.53
CA LEU B 706 -32.74 17.99 21.77
C LEU B 706 -32.77 18.54 23.19
N LEU B 707 -33.94 18.94 23.67
CA LEU B 707 -34.05 19.43 25.04
C LEU B 707 -33.68 18.33 26.03
N LEU B 708 -34.14 17.10 25.79
CA LEU B 708 -33.79 15.99 26.67
C LEU B 708 -32.30 15.73 26.67
N VAL B 709 -31.67 15.77 25.48
CA VAL B 709 -30.23 15.51 25.40
C VAL B 709 -29.47 16.60 26.13
N VAL B 710 -29.85 17.86 25.94
CA VAL B 710 -29.13 18.96 26.59
C VAL B 710 -29.32 18.89 28.11
N GLY B 711 -30.53 18.60 28.57
CA GLY B 711 -30.75 18.47 30.00
C GLY B 711 -29.97 17.32 30.61
N MET B 712 -29.96 16.17 29.92
CA MET B 712 -29.18 15.03 30.40
C MET B 712 -27.70 15.36 30.44
N GLY B 713 -27.18 16.04 29.43
CA GLY B 713 -25.79 16.43 29.44
C GLY B 713 -25.47 17.39 30.58
N GLY B 714 -26.36 18.34 30.84
CA GLY B 714 -26.16 19.25 31.96
C GLY B 714 -26.12 18.51 33.29
N VAL B 715 -27.04 17.57 33.48
CA VAL B 715 -27.04 16.79 34.71
C VAL B 715 -25.80 15.91 34.80
N ALA B 716 -25.34 15.38 33.66
CA ALA B 716 -24.16 14.55 33.64
C ALA B 716 -22.91 15.34 34.00
N ALA B 717 -22.88 16.64 33.66
CA ALA B 717 -21.77 17.48 34.06
C ALA B 717 -21.63 17.57 35.57
N LEU B 718 -22.71 17.33 36.33
CA LEU B 718 -22.62 17.35 37.79
C LEU B 718 -21.79 16.19 38.31
N PHE B 719 -21.74 15.09 37.58
CA PHE B 719 -21.01 13.90 37.99
C PHE B 719 -19.70 13.72 37.24
N GLY B 720 -19.25 14.74 36.53
CA GLY B 720 -17.96 14.68 35.85
C GLY B 720 -17.97 13.91 34.55
N MET B 721 -19.12 13.70 33.95
CA MET B 721 -19.25 12.86 32.76
C MET B 721 -19.63 13.69 31.54
N PRO B 722 -19.29 13.22 30.34
CA PRO B 722 -19.52 14.04 29.14
C PRO B 722 -21.00 14.24 28.84
N TRP B 723 -21.31 15.40 28.27
CA TRP B 723 -22.59 15.63 27.63
C TRP B 723 -22.52 15.16 26.20
N LEU B 724 -23.58 14.51 25.73
CA LEU B 724 -23.61 13.84 24.44
C LEU B 724 -24.48 14.61 23.46
N SER B 725 -24.54 14.11 22.23
CA SER B 725 -25.35 14.69 21.18
C SER B 725 -26.06 13.58 20.42
N ALA B 726 -27.33 13.80 20.09
CA ALA B 726 -28.09 12.85 19.30
C ALA B 726 -27.70 12.94 17.83
N THR B 727 -27.79 11.81 17.14
CA THR B 727 -27.32 11.72 15.77
C THR B 727 -28.10 10.64 15.03
N THR B 728 -28.38 10.90 13.75
CA THR B 728 -29.14 10.00 12.90
C THR B 728 -28.28 8.87 12.37
N VAL B 729 -28.76 8.18 11.33
CA VAL B 729 -28.03 7.16 10.58
C VAL B 729 -27.59 6.04 11.52
N ARG B 730 -28.54 5.54 12.32
CA ARG B 730 -28.29 4.37 13.14
C ARG B 730 -28.02 3.12 12.31
N SER B 731 -28.35 3.15 11.01
CA SER B 731 -28.28 1.98 10.15
C SER B 731 -29.23 0.89 10.63
N VAL B 732 -30.51 1.25 10.66
CA VAL B 732 -31.57 0.33 11.09
C VAL B 732 -31.57 -0.92 10.20
N ALA B 751 -49.50 -1.52 14.46
CA ALA B 751 -48.20 -1.88 13.89
C ALA B 751 -47.15 -0.85 14.26
N GLN B 752 -47.55 0.42 14.27
CA GLN B 752 -46.61 1.48 14.63
C GLN B 752 -46.14 1.33 16.08
N ILE B 753 -47.05 0.94 16.98
CA ILE B 753 -46.67 0.75 18.37
C ILE B 753 -45.63 -0.36 18.49
N GLN B 754 -45.81 -1.45 17.74
CA GLN B 754 -44.86 -2.54 17.79
C GLN B 754 -43.48 -2.10 17.30
N GLU B 755 -43.44 -1.30 16.23
CA GLU B 755 -42.16 -0.87 15.68
C GLU B 755 -41.39 -0.01 16.68
N VAL B 756 -42.08 0.94 17.32
CA VAL B 756 -41.41 1.82 18.27
C VAL B 756 -40.89 1.03 19.46
N LYS B 757 -41.68 0.07 19.94
CA LYS B 757 -41.26 -0.74 21.08
C LYS B 757 -40.01 -1.54 20.74
N GLU B 758 -39.95 -2.11 19.53
CA GLU B 758 -38.79 -2.92 19.16
C GLU B 758 -37.51 -2.09 19.15
N GLN B 759 -37.58 -0.88 18.60
CA GLN B 759 -36.40 -0.01 18.55
C GLN B 759 -36.11 0.64 19.89
N ARG B 760 -37.07 0.64 20.82
CA ARG B 760 -36.80 1.09 22.18
C ARG B 760 -36.00 0.04 22.95
N ILE B 761 -36.34 -1.24 22.77
CA ILE B 761 -35.57 -2.31 23.38
C ILE B 761 -34.18 -2.37 22.80
N SER B 762 -34.04 -2.07 21.51
CA SER B 762 -32.71 -2.09 20.89
C SER B 762 -31.79 -1.05 21.53
N GLY B 763 -32.30 0.16 21.74
CA GLY B 763 -31.50 1.19 22.39
C GLY B 763 -31.21 0.87 23.85
N LEU B 764 -32.17 0.27 24.55
CA LEU B 764 -31.96 -0.10 25.94
C LEU B 764 -30.87 -1.16 26.07
N LEU B 765 -30.88 -2.16 25.19
CA LEU B 765 -29.88 -3.22 25.27
C LEU B 765 -28.50 -2.70 24.86
N VAL B 766 -28.44 -1.88 23.82
CA VAL B 766 -27.15 -1.35 23.37
C VAL B 766 -26.54 -0.48 24.46
N ALA B 767 -27.37 0.30 25.16
CA ALA B 767 -26.85 1.18 26.20
C ALA B 767 -26.37 0.39 27.41
N VAL B 768 -27.10 -0.69 27.77
CA VAL B 768 -26.67 -1.52 28.87
C VAL B 768 -25.36 -2.21 28.54
N LEU B 769 -25.21 -2.68 27.30
CA LEU B 769 -23.96 -3.33 26.90
C LEU B 769 -22.81 -2.34 26.87
N VAL B 770 -23.06 -1.10 26.45
CA VAL B 770 -22.02 -0.09 26.44
C VAL B 770 -21.59 0.26 27.86
N GLY B 771 -22.52 0.24 28.81
CA GLY B 771 -22.14 0.45 30.20
C GLY B 771 -21.32 -0.69 30.76
N LEU B 772 -21.66 -1.92 30.39
CA LEU B 772 -20.92 -3.10 30.84
C LEU B 772 -19.61 -3.28 30.10
N SER B 773 -19.37 -2.52 29.04
CA SER B 773 -18.10 -2.64 28.31
C SER B 773 -16.92 -2.20 29.16
N ILE B 774 -17.15 -1.43 30.21
CA ILE B 774 -16.05 -1.04 31.10
C ILE B 774 -15.55 -2.24 31.90
N LEU B 775 -16.37 -3.27 32.06
CA LEU B 775 -15.91 -4.51 32.68
C LEU B 775 -14.95 -5.28 31.80
N MET B 776 -14.93 -4.99 30.50
CA MET B 776 -13.96 -5.60 29.60
C MET B 776 -12.65 -4.84 29.64
N GLU B 777 -12.13 -4.62 30.85
CA GLU B 777 -10.90 -3.87 31.03
C GLU B 777 -9.69 -4.69 30.62
N PRO B 778 -9.67 -6.01 30.86
CA PRO B 778 -8.55 -6.81 30.35
C PRO B 778 -8.34 -6.65 28.86
N ILE B 779 -9.42 -6.58 28.08
CA ILE B 779 -9.30 -6.41 26.64
C ILE B 779 -8.94 -4.98 26.29
N LEU B 780 -9.57 -4.00 26.97
CA LEU B 780 -9.38 -2.60 26.61
C LEU B 780 -7.98 -2.10 26.95
N SER B 781 -7.38 -2.65 28.01
CA SER B 781 -6.03 -2.24 28.39
C SER B 781 -4.98 -2.71 27.39
N ARG B 782 -5.33 -3.65 26.52
CA ARG B 782 -4.40 -4.15 25.52
C ARG B 782 -4.50 -3.41 24.18
N ILE B 783 -5.38 -2.43 24.06
CA ILE B 783 -5.55 -1.72 22.80
C ILE B 783 -4.55 -0.57 22.74
N PRO B 784 -3.61 -0.58 21.79
CA PRO B 784 -2.70 0.57 21.67
C PRO B 784 -3.44 1.81 21.21
N LEU B 785 -2.94 2.97 21.64
CA LEU B 785 -3.51 4.24 21.22
C LEU B 785 -3.22 4.53 19.76
N ALA B 786 -2.19 3.92 19.17
CA ALA B 786 -1.91 4.10 17.75
C ALA B 786 -2.98 3.45 16.89
N VAL B 787 -3.52 2.32 17.32
CA VAL B 787 -4.64 1.70 16.62
C VAL B 787 -5.84 2.65 16.63
N LEU B 788 -6.11 3.26 17.77
CA LEU B 788 -7.21 4.22 17.85
C LEU B 788 -6.92 5.48 17.05
N PHE B 789 -5.65 5.87 16.93
CA PHE B 789 -5.30 6.98 16.04
C PHE B 789 -5.60 6.62 14.58
N GLY B 790 -5.30 5.38 14.19
CA GLY B 790 -5.66 4.94 12.86
C GLY B 790 -7.16 4.97 12.63
N ILE B 791 -7.93 4.57 13.63
CA ILE B 791 -9.38 4.64 13.52
C ILE B 791 -9.86 6.08 13.47
N PHE B 792 -9.19 6.98 14.19
CA PHE B 792 -9.50 8.40 14.13
C PHE B 792 -9.29 8.95 12.72
N LEU B 793 -8.16 8.60 12.11
CA LEU B 793 -7.88 9.02 10.75
C LEU B 793 -8.91 8.43 9.79
N TYR B 794 -9.29 7.18 10.00
CA TYR B 794 -10.30 6.55 9.15
C TYR B 794 -11.63 7.30 9.25
N MET B 795 -12.03 7.66 10.46
CA MET B 795 -13.28 8.40 10.64
C MET B 795 -13.20 9.74 9.92
N GLY B 796 -12.10 10.47 10.11
CA GLY B 796 -11.96 11.76 9.46
C GLY B 796 -11.98 11.66 7.95
N VAL B 797 -11.32 10.64 7.39
CA VAL B 797 -11.26 10.50 5.94
C VAL B 797 -12.62 10.08 5.39
N THR B 798 -13.29 9.13 6.06
CA THR B 798 -14.52 8.59 5.50
C THR B 798 -15.71 9.53 5.69
N SER B 799 -15.64 10.45 6.66
CA SER B 799 -16.71 11.43 6.76
C SER B 799 -16.63 12.48 5.67
N LEU B 800 -15.51 12.58 4.95
CA LEU B 800 -15.42 13.51 3.83
C LEU B 800 -16.33 13.10 2.68
N SER B 801 -16.65 11.81 2.58
CA SER B 801 -17.51 11.34 1.51
C SER B 801 -18.92 11.87 1.68
N GLY B 802 -19.52 12.30 0.57
CA GLY B 802 -20.85 12.86 0.59
C GLY B 802 -20.92 14.35 0.82
N ILE B 803 -19.79 15.01 1.07
CA ILE B 803 -19.76 16.44 1.28
C ILE B 803 -19.52 17.11 -0.06
N GLN B 804 -20.48 17.94 -0.50
CA GLN B 804 -20.34 18.60 -1.79
C GLN B 804 -19.20 19.60 -1.82
N LEU B 805 -18.85 20.16 -0.66
CA LEU B 805 -17.68 21.03 -0.59
C LEU B 805 -16.42 20.26 -0.93
N PHE B 806 -16.30 19.03 -0.44
CA PHE B 806 -15.17 18.18 -0.80
C PHE B 806 -15.17 17.85 -2.28
N ASP B 807 -16.34 17.55 -2.84
CA ASP B 807 -16.44 17.25 -4.27
C ASP B 807 -16.01 18.44 -5.11
N ARG B 808 -16.42 19.64 -4.73
CA ARG B 808 -16.05 20.84 -5.49
C ARG B 808 -14.58 21.18 -5.30
N ILE B 809 -14.02 20.91 -4.12
CA ILE B 809 -12.59 21.07 -3.92
C ILE B 809 -11.83 20.12 -4.85
N LEU B 810 -12.33 18.90 -5.01
CA LEU B 810 -11.73 17.99 -5.97
C LEU B 810 -11.87 18.52 -7.39
N LEU B 811 -13.02 19.09 -7.73
CA LEU B 811 -13.23 19.65 -9.06
C LEU B 811 -12.27 20.80 -9.33
N LEU B 812 -11.81 21.49 -8.28
CA LEU B 812 -10.81 22.53 -8.48
C LEU B 812 -9.61 22.01 -9.25
N PHE B 813 -9.23 20.76 -9.01
CA PHE B 813 -8.04 20.16 -9.62
C PHE B 813 -8.35 19.38 -10.89
N LYS B 814 -9.61 19.26 -11.27
CA LYS B 814 -9.96 18.53 -12.49
C LYS B 814 -10.18 19.49 -13.65
N PRO B 815 -9.86 19.08 -14.88
CA PRO B 815 -10.27 19.88 -16.02
C PRO B 815 -11.77 19.91 -16.14
N PRO B 816 -12.35 21.00 -16.65
CA PRO B 816 -13.81 21.10 -16.69
C PRO B 816 -14.50 19.99 -17.47
N LYS B 817 -13.83 19.40 -18.47
CA LYS B 817 -14.47 18.34 -19.24
C LYS B 817 -14.75 17.11 -18.38
N TYR B 818 -14.02 16.95 -17.30
CA TYR B 818 -14.18 15.82 -16.40
C TYR B 818 -15.16 16.08 -15.27
N HIS B 819 -15.71 17.30 -15.18
CA HIS B 819 -16.64 17.60 -14.11
C HIS B 819 -17.92 16.78 -14.27
N PRO B 820 -18.47 16.25 -13.19
CA PRO B 820 -19.63 15.36 -13.32
C PRO B 820 -20.88 16.08 -13.81
N ASP B 821 -21.96 15.32 -14.01
CA ASP B 821 -23.21 15.88 -14.49
C ASP B 821 -24.09 16.15 -13.27
N VAL B 822 -23.81 17.26 -12.61
CA VAL B 822 -24.56 17.68 -11.42
C VAL B 822 -25.09 19.08 -11.65
N PRO B 823 -26.17 19.46 -10.96
CA PRO B 823 -26.77 20.77 -11.23
C PRO B 823 -25.82 21.94 -11.03
N TYR B 824 -24.91 21.88 -10.06
CA TYR B 824 -23.99 23.00 -9.86
C TYR B 824 -22.82 23.00 -10.84
N VAL B 825 -22.67 21.95 -11.64
CA VAL B 825 -21.66 21.94 -12.70
C VAL B 825 -22.26 22.43 -14.02
N LYS B 826 -23.48 22.01 -14.33
CA LYS B 826 -24.08 22.31 -15.63
C LYS B 826 -24.84 23.62 -15.65
N ARG B 827 -25.41 24.04 -14.52
CA ARG B 827 -26.17 25.27 -14.43
C ARG B 827 -25.36 26.44 -13.87
N VAL B 828 -24.10 26.22 -13.53
CA VAL B 828 -23.24 27.26 -13.00
C VAL B 828 -21.94 27.29 -13.80
N LYS B 829 -21.44 28.48 -14.07
CA LYS B 829 -20.14 28.61 -14.71
C LYS B 829 -19.06 27.99 -13.83
N THR B 830 -18.02 27.48 -14.47
CA THR B 830 -16.96 26.80 -13.71
C THR B 830 -16.33 27.76 -12.70
N TRP B 831 -16.03 28.99 -13.12
CA TRP B 831 -15.33 29.91 -12.25
C TRP B 831 -16.24 30.45 -11.15
N ARG B 832 -17.55 30.54 -11.39
CA ARG B 832 -18.46 30.91 -10.33
C ARG B 832 -18.51 29.84 -9.25
N MET B 833 -18.60 28.58 -9.66
CA MET B 833 -18.55 27.48 -8.70
C MET B 833 -17.23 27.48 -7.94
N HIS B 834 -16.13 27.75 -8.64
CA HIS B 834 -14.83 27.80 -7.99
C HIS B 834 -14.75 28.95 -6.99
N LEU B 835 -15.36 30.09 -7.31
CA LEU B 835 -15.42 31.21 -6.37
C LEU B 835 -16.24 30.84 -5.13
N PHE B 836 -17.36 30.16 -5.33
CA PHE B 836 -18.15 29.66 -4.21
C PHE B 836 -17.29 28.77 -3.31
N THR B 837 -16.60 27.81 -3.91
CA THR B 837 -15.74 26.90 -3.15
C THR B 837 -14.63 27.66 -2.45
N GLY B 838 -14.07 28.68 -3.10
CA GLY B 838 -13.01 29.45 -2.48
C GLY B 838 -13.48 30.27 -1.29
N ILE B 839 -14.67 30.84 -1.37
CA ILE B 839 -15.23 31.55 -0.22
C ILE B 839 -15.46 30.58 0.94
N GLN B 840 -15.96 29.37 0.62
CA GLN B 840 -16.11 28.36 1.68
C GLN B 840 -14.75 27.98 2.27
N ILE B 841 -13.73 27.89 1.43
CA ILE B 841 -12.38 27.58 1.91
C ILE B 841 -11.86 28.69 2.82
N ILE B 842 -12.18 29.94 2.47
CA ILE B 842 -11.80 31.06 3.33
C ILE B 842 -12.49 30.95 4.68
N CYS B 843 -13.77 30.55 4.68
CA CYS B 843 -14.46 30.29 5.93
C CYS B 843 -13.73 29.22 6.74
N LEU B 844 -13.31 28.14 6.08
CA LEU B 844 -12.59 27.08 6.76
C LEU B 844 -11.27 27.59 7.35
N ALA B 845 -10.55 28.42 6.60
CA ALA B 845 -9.29 28.96 7.09
C ALA B 845 -9.51 29.87 8.29
N VAL B 846 -10.56 30.68 8.27
CA VAL B 846 -10.87 31.52 9.42
C VAL B 846 -11.20 30.66 10.63
N LEU B 847 -11.98 29.59 10.43
CA LEU B 847 -12.30 28.69 11.53
C LEU B 847 -11.05 28.04 12.09
N TRP B 848 -10.13 27.62 11.21
CA TRP B 848 -8.88 27.02 11.67
C TRP B 848 -8.05 28.01 12.48
N VAL B 849 -7.97 29.25 12.01
CA VAL B 849 -7.22 30.27 12.75
C VAL B 849 -7.85 30.48 14.12
N VAL B 850 -9.17 30.57 14.19
CA VAL B 850 -9.84 30.76 15.48
C VAL B 850 -9.54 29.58 16.39
N LYS B 851 -9.63 28.35 15.87
CA LYS B 851 -9.33 27.17 16.67
C LYS B 851 -7.89 27.17 17.16
N SER B 852 -6.98 27.80 16.41
CA SER B 852 -5.57 27.81 16.80
C SER B 852 -5.27 28.80 17.92
N THR B 853 -6.10 29.82 18.09
CA THR B 853 -5.83 30.89 19.05
C THR B 853 -6.42 30.56 20.41
N PRO B 854 -6.14 31.39 21.42
CA PRO B 854 -6.78 31.20 22.73
C PRO B 854 -8.30 31.36 22.68
N ALA B 855 -8.85 32.01 21.66
CA ALA B 855 -10.28 32.17 21.50
C ALA B 855 -10.93 30.97 20.82
N SER B 856 -10.28 29.80 20.85
CA SER B 856 -10.82 28.63 20.19
C SER B 856 -12.13 28.15 20.81
N LEU B 857 -12.46 28.62 22.02
CA LEU B 857 -13.72 28.22 22.63
C LEU B 857 -14.91 28.77 21.85
N ALA B 858 -14.77 29.97 21.31
CA ALA B 858 -15.83 30.63 20.55
C ALA B 858 -15.99 30.07 19.14
N LEU B 859 -15.38 28.92 18.84
CA LEU B 859 -15.50 28.36 17.50
C LEU B 859 -16.94 28.12 17.08
N PRO B 860 -17.84 27.62 17.94
CA PRO B 860 -19.24 27.46 17.51
C PRO B 860 -19.89 28.76 17.09
N PHE B 861 -19.54 29.90 17.72
CA PHE B 861 -20.10 31.17 17.29
C PHE B 861 -19.61 31.55 15.90
N VAL B 862 -18.32 31.37 15.63
CA VAL B 862 -17.81 31.66 14.29
C VAL B 862 -18.45 30.74 13.27
N LEU B 863 -18.73 29.49 13.66
CA LEU B 863 -19.44 28.58 12.77
C LEU B 863 -20.85 29.08 12.49
N ILE B 864 -21.56 29.52 13.52
CA ILE B 864 -22.92 30.02 13.32
C ILE B 864 -22.92 31.31 12.54
N LEU B 865 -21.79 32.02 12.48
CA LEU B 865 -21.70 33.22 11.66
C LEU B 865 -21.76 32.93 10.17
N THR B 866 -21.67 31.67 9.75
CA THR B 866 -21.82 31.32 8.35
C THR B 866 -23.28 31.34 7.91
N VAL B 867 -24.22 31.46 8.83
CA VAL B 867 -25.64 31.54 8.52
C VAL B 867 -25.94 32.95 8.01
N PRO B 868 -25.54 34.01 8.72
CA PRO B 868 -25.64 35.35 8.13
C PRO B 868 -24.87 35.49 6.83
N LEU B 869 -23.71 34.85 6.72
CA LEU B 869 -22.94 34.95 5.49
C LEU B 869 -23.69 34.33 4.31
N ARG B 870 -24.30 33.17 4.53
CA ARG B 870 -25.10 32.56 3.47
C ARG B 870 -26.31 33.41 3.14
N ARG B 871 -26.96 33.98 4.15
CA ARG B 871 -28.24 34.65 3.94
C ARG B 871 -28.10 36.07 3.41
N VAL B 872 -26.97 36.73 3.65
CA VAL B 872 -26.87 38.17 3.37
C VAL B 872 -25.88 38.45 2.25
N LEU B 873 -24.61 38.10 2.45
CA LEU B 873 -23.57 38.49 1.49
C LEU B 873 -23.59 37.62 0.24
N LEU B 874 -23.84 36.33 0.40
CA LEU B 874 -23.86 35.44 -0.75
C LEU B 874 -24.91 35.85 -1.77
N PRO B 875 -26.14 36.21 -1.39
CA PRO B 875 -27.07 36.74 -2.40
C PRO B 875 -26.55 37.95 -3.15
N LEU B 876 -25.73 38.78 -2.51
CA LEU B 876 -25.14 39.90 -3.22
C LEU B 876 -24.10 39.43 -4.23
N ILE B 877 -23.28 38.45 -3.86
CA ILE B 877 -22.24 37.99 -4.78
C ILE B 877 -22.84 37.16 -5.92
N PHE B 878 -23.82 36.32 -5.61
CA PHE B 878 -24.29 35.28 -6.53
C PHE B 878 -25.77 35.48 -6.84
N ARG B 879 -26.21 34.82 -7.91
CA ARG B 879 -27.60 34.85 -8.35
C ARG B 879 -28.37 33.69 -7.72
N ASN B 880 -29.70 33.82 -7.73
CA ASN B 880 -30.54 32.86 -7.01
C ASN B 880 -30.42 31.46 -7.60
N VAL B 881 -30.31 31.35 -8.93
CA VAL B 881 -30.13 30.04 -9.54
C VAL B 881 -28.84 29.40 -9.08
N GLU B 882 -27.75 30.18 -9.03
CA GLU B 882 -26.47 29.65 -8.59
C GLU B 882 -26.53 29.24 -7.13
N LEU B 883 -27.22 30.01 -6.29
CA LEU B 883 -27.35 29.65 -4.88
C LEU B 883 -28.21 28.41 -4.70
N GLN B 884 -29.21 28.22 -5.56
CA GLN B 884 -30.03 27.02 -5.49
C GLN B 884 -29.25 25.79 -5.92
N CYS B 885 -28.40 25.92 -6.94
CA CYS B 885 -27.60 24.79 -7.38
C CYS B 885 -26.49 24.47 -6.38
N LEU B 886 -25.79 25.50 -5.91
CA LEU B 886 -24.62 25.31 -5.06
C LEU B 886 -24.97 25.08 -3.60
N ASP B 887 -26.18 25.43 -3.17
CA ASP B 887 -26.64 25.22 -1.80
C ASP B 887 -28.08 24.72 -1.88
N ALA B 888 -28.25 23.41 -1.95
CA ALA B 888 -29.54 22.78 -2.12
C ALA B 888 -29.84 21.87 -0.93
N ASP B 889 -31.13 21.72 -0.64
CA ASP B 889 -31.55 20.81 0.43
C ASP B 889 -31.39 19.35 0.04
N ASP B 890 -31.12 19.05 -1.23
CA ASP B 890 -30.94 17.68 -1.68
C ASP B 890 -29.76 17.59 -2.64
#